data_7XDU
#
_entry.id   7XDU
#
_cell.length_a   203.061
_cell.length_b   54.845
_cell.length_c   114.188
_cell.angle_alpha   90.000
_cell.angle_beta   115.560
_cell.angle_gamma   90.000
#
_symmetry.space_group_name_H-M   'C 1 2 1'
#
loop_
_entity.id
_entity.type
_entity.pdbx_description
1 polymer '4-hydroxy-tetrahydrodipicolinate reductase'
2 non-polymer NICOTINAMIDE-ADENINE-DINUCLEOTIDE
3 water water
#
_entity_poly.entity_id   1
_entity_poly.type   'polypeptide(L)'
_entity_poly.pdbx_seq_one_letter_code
;MGHHHHHHMENIKVVVWGLGAMGSGIAKMILFKKGMEIVGAIDTDPNKRGKDLNEILGTNSKPVYITSEPQDIIKKGSAD
IAVIVTSSYVEKVFPLIKLAVENGINVITTAEEMAYPSAQHLELAKEIDRLARENGVSVLGTGINPGFVLDYLIIALTGV
CVDVDSIKAARINDLSPFGKAVMEEQGVGLTPEEFEEGVKNGTVAGHIGFPESISMICDALGWKLSGIEQTREPIVSKTY
RETPYARVEPGYVAGCRQIGYGKVDGEVKIELEHPQQILPQKEGVETGDYIEIKGTPNIKLSIKPEIPGGLGTIALCVNM
IPHVINAEPGLVTMLDLPVPRAIMGDARDMIRRR
;
_entity_poly.pdbx_strand_id   A,B
#
loop_
_chem_comp.id
_chem_comp.type
_chem_comp.name
_chem_comp.formula
NAD non-polymer NICOTINAMIDE-ADENINE-DINUCLEOTIDE 'C21 H27 N7 O14 P2'
#
# COMPACT_ATOMS: atom_id res chain seq x y z
N MET A 9 -6.12 3.98 27.66
CA MET A 9 -5.96 3.29 28.93
C MET A 9 -6.89 2.07 29.03
N GLU A 10 -8.10 2.18 28.49
CA GLU A 10 -9.03 1.07 28.48
C GLU A 10 -8.89 0.27 27.17
N ASN A 11 -9.12 -1.04 27.26
CA ASN A 11 -9.10 -1.89 26.08
C ASN A 11 -10.06 -1.37 25.01
N ILE A 12 -9.69 -1.60 23.74
CA ILE A 12 -10.64 -1.41 22.65
C ILE A 12 -11.72 -2.49 22.76
N LYS A 13 -12.96 -2.08 22.95
CA LYS A 13 -14.05 -3.03 23.14
C LYS A 13 -14.70 -3.34 21.79
N VAL A 14 -14.73 -4.62 21.43
CA VAL A 14 -15.18 -5.08 20.11
C VAL A 14 -16.33 -6.06 20.28
N VAL A 15 -17.35 -5.92 19.42
CA VAL A 15 -18.41 -6.90 19.24
C VAL A 15 -18.20 -7.59 17.90
N VAL A 16 -18.34 -8.91 17.88
CA VAL A 16 -18.23 -9.68 16.65
C VAL A 16 -19.62 -10.15 16.27
N TRP A 17 -20.09 -9.69 15.12
CA TRP A 17 -21.44 -9.93 14.62
C TRP A 17 -21.35 -10.98 13.53
N GLY A 18 -21.79 -12.20 13.84
CA GLY A 18 -21.58 -13.32 12.95
C GLY A 18 -20.33 -14.10 13.34
N LEU A 19 -20.47 -15.40 13.55
CA LEU A 19 -19.41 -16.23 14.09
C LEU A 19 -19.19 -17.48 13.24
N GLY A 20 -19.04 -17.28 11.94
CA GLY A 20 -18.64 -18.33 11.04
C GLY A 20 -17.14 -18.43 10.94
N ALA A 21 -16.66 -18.81 9.76
CA ALA A 21 -15.23 -18.90 9.54
C ALA A 21 -14.52 -17.59 9.90
N MET A 22 -15.02 -16.47 9.35
CA MET A 22 -14.39 -15.18 9.61
C MET A 22 -14.63 -14.71 11.05
N GLY A 23 -15.88 -14.80 11.51
CA GLY A 23 -16.19 -14.32 12.84
C GLY A 23 -15.35 -14.98 13.92
N SER A 24 -15.23 -16.30 13.88
CA SER A 24 -14.47 -17.01 14.90
C SER A 24 -12.98 -16.82 14.74
N GLY A 25 -12.48 -16.74 13.51
CA GLY A 25 -11.10 -16.33 13.30
C GLY A 25 -10.82 -14.96 13.87
N ILE A 26 -11.75 -14.03 13.68
CA ILE A 26 -11.55 -12.66 14.16
C ILE A 26 -11.62 -12.62 15.69
N ALA A 27 -12.54 -13.37 16.28
CA ALA A 27 -12.65 -13.39 17.74
C ALA A 27 -11.41 -13.98 18.38
N LYS A 28 -10.94 -15.11 17.87
CA LYS A 28 -9.74 -15.72 18.42
C LYS A 28 -8.55 -14.76 18.32
N MET A 29 -8.47 -14.00 17.23
CA MET A 29 -7.35 -13.08 17.08
C MET A 29 -7.48 -11.93 18.07
N ILE A 30 -8.68 -11.38 18.22
CA ILE A 30 -8.87 -10.26 19.14
C ILE A 30 -8.57 -10.68 20.58
N LEU A 31 -8.95 -11.90 20.93
CA LEU A 31 -8.64 -12.42 22.25
C LEU A 31 -7.13 -12.33 22.53
N PHE A 32 -6.32 -12.82 21.60
CA PHE A 32 -4.89 -12.89 21.84
C PHE A 32 -4.13 -11.62 21.45
N LYS A 33 -4.84 -10.56 21.02
CA LYS A 33 -4.21 -9.28 20.73
C LYS A 33 -4.24 -8.39 21.96
N LYS A 34 -3.09 -7.82 22.29
CA LYS A 34 -2.98 -6.95 23.46
C LYS A 34 -3.64 -5.60 23.18
N GLY A 35 -4.50 -5.17 24.09
CA GLY A 35 -5.21 -3.92 23.94
C GLY A 35 -6.57 -4.04 23.29
N MET A 36 -7.05 -5.26 23.07
CA MET A 36 -8.30 -5.51 22.38
C MET A 36 -9.11 -6.54 23.16
N GLU A 37 -10.42 -6.34 23.20
CA GLU A 37 -11.32 -7.16 23.98
C GLU A 37 -12.62 -7.43 23.22
N ILE A 38 -13.10 -8.67 23.26
CA ILE A 38 -14.43 -8.99 22.80
C ILE A 38 -15.39 -8.79 23.97
N VAL A 39 -16.35 -7.89 23.80
CA VAL A 39 -17.40 -7.67 24.80
C VAL A 39 -18.73 -8.26 24.38
N GLY A 40 -18.80 -8.94 23.25
CA GLY A 40 -20.06 -9.50 22.79
C GLY A 40 -19.95 -10.25 21.47
N ALA A 41 -20.76 -11.28 21.29
CA ALA A 41 -20.72 -12.12 20.09
C ALA A 41 -22.16 -12.43 19.67
N ILE A 42 -22.48 -12.12 18.42
CA ILE A 42 -23.85 -12.22 17.91
C ILE A 42 -23.89 -13.25 16.79
N ASP A 43 -24.86 -14.15 16.84
CA ASP A 43 -25.10 -15.07 15.74
C ASP A 43 -26.49 -15.66 15.89
N THR A 44 -27.21 -15.78 14.78
CA THR A 44 -28.58 -16.30 14.82
C THR A 44 -28.64 -17.81 14.60
N ASP A 45 -27.53 -18.44 14.25
CA ASP A 45 -27.46 -19.88 14.11
C ASP A 45 -27.84 -20.56 15.42
N PRO A 46 -28.92 -21.34 15.47
CA PRO A 46 -29.31 -21.98 16.74
C PRO A 46 -28.25 -22.88 17.34
N ASN A 47 -27.39 -23.49 16.51
CA ASN A 47 -26.32 -24.29 17.08
C ASN A 47 -25.25 -23.45 17.77
N LYS A 48 -25.27 -22.12 17.59
CA LYS A 48 -24.34 -21.24 18.26
C LYS A 48 -24.99 -20.39 19.33
N ARG A 49 -26.25 -20.01 19.14
CA ARG A 49 -26.96 -19.19 20.11
C ARG A 49 -26.82 -19.76 21.52
N GLY A 50 -26.48 -18.89 22.47
CA GLY A 50 -26.45 -19.25 23.87
C GLY A 50 -25.14 -19.83 24.36
N LYS A 51 -24.30 -20.37 23.48
CA LYS A 51 -23.07 -21.00 23.92
C LYS A 51 -22.03 -19.97 24.35
N ASP A 52 -21.07 -20.42 25.16
CA ASP A 52 -19.88 -19.64 25.42
C ASP A 52 -19.02 -19.62 24.16
N LEU A 53 -18.67 -18.42 23.71
CA LEU A 53 -17.82 -18.28 22.52
C LEU A 53 -16.54 -19.09 22.64
N ASN A 54 -16.01 -19.25 23.86
CA ASN A 54 -14.83 -20.09 24.04
C ASN A 54 -15.07 -21.53 23.63
N GLU A 55 -16.30 -22.03 23.83
CA GLU A 55 -16.60 -23.39 23.41
C GLU A 55 -16.43 -23.53 21.90
N ILE A 56 -16.81 -22.50 21.15
CA ILE A 56 -16.67 -22.55 19.70
C ILE A 56 -15.21 -22.36 19.29
N LEU A 57 -14.54 -21.36 19.86
CA LEU A 57 -13.14 -21.11 19.52
C LEU A 57 -12.22 -22.22 20.02
N GLY A 58 -12.67 -23.03 20.97
CA GLY A 58 -11.78 -23.94 21.64
C GLY A 58 -10.76 -23.26 22.52
N THR A 59 -11.02 -22.02 22.91
CA THR A 59 -10.11 -21.24 23.73
C THR A 59 -10.49 -21.34 25.20
N ASN A 60 -9.57 -20.92 26.07
CA ASN A 60 -9.77 -20.94 27.52
C ASN A 60 -9.59 -19.52 28.03
N SER A 61 -10.67 -18.75 28.01
CA SER A 61 -10.64 -17.37 28.48
C SER A 61 -11.99 -17.03 29.09
N LYS A 62 -12.11 -15.79 29.55
CA LYS A 62 -13.31 -15.32 30.22
C LYS A 62 -14.56 -15.62 29.37
N PRO A 63 -15.63 -16.13 29.96
CA PRO A 63 -16.81 -16.51 29.16
C PRO A 63 -17.48 -15.31 28.51
N VAL A 64 -17.86 -15.49 27.25
CA VAL A 64 -18.63 -14.51 26.51
C VAL A 64 -19.75 -15.27 25.81
N TYR A 65 -21.00 -14.92 26.13
CA TYR A 65 -22.14 -15.70 25.69
C TYR A 65 -22.72 -15.16 24.39
N ILE A 66 -22.89 -16.05 23.41
CA ILE A 66 -23.38 -15.66 22.09
C ILE A 66 -24.86 -15.37 22.17
N THR A 67 -25.25 -14.16 21.80
CA THR A 67 -26.66 -13.80 21.71
C THR A 67 -27.10 -13.85 20.25
N SER A 68 -28.38 -14.12 20.04
CA SER A 68 -28.99 -13.95 18.73
C SER A 68 -29.83 -12.69 18.66
N GLU A 69 -29.96 -11.96 19.78
CA GLU A 69 -30.62 -10.67 19.84
C GLU A 69 -29.55 -9.58 19.81
N PRO A 70 -29.31 -8.93 18.67
CA PRO A 70 -28.32 -7.84 18.63
C PRO A 70 -28.53 -6.75 19.67
N GLN A 71 -29.79 -6.46 20.03
CA GLN A 71 -30.08 -5.38 20.97
C GLN A 71 -29.55 -5.68 22.36
N ASP A 72 -29.24 -6.94 22.66
CA ASP A 72 -28.68 -7.28 23.97
C ASP A 72 -27.33 -6.61 24.20
N ILE A 73 -26.53 -6.46 23.15
CA ILE A 73 -25.18 -5.93 23.29
C ILE A 73 -24.92 -4.71 22.42
N ILE A 74 -25.70 -4.44 21.38
CA ILE A 74 -25.47 -3.29 20.51
C ILE A 74 -26.30 -2.13 21.06
N LYS A 75 -25.68 -1.36 21.95
CA LYS A 75 -26.36 -0.21 22.54
C LYS A 75 -25.31 0.84 22.93
N LYS A 76 -25.79 2.06 23.11
CA LYS A 76 -24.92 3.21 23.39
C LYS A 76 -23.94 2.90 24.52
N GLY A 77 -22.65 3.00 24.20
CA GLY A 77 -21.59 2.88 25.19
C GLY A 77 -21.05 1.48 25.40
N SER A 78 -21.60 0.47 24.73
CA SER A 78 -21.22 -0.90 25.02
C SER A 78 -20.01 -1.40 24.22
N ALA A 79 -19.64 -0.72 23.12
CA ALA A 79 -18.50 -1.17 22.33
C ALA A 79 -17.95 -0.01 21.51
N ASP A 80 -16.66 -0.11 21.18
CA ASP A 80 -16.06 0.85 20.27
C ASP A 80 -16.33 0.51 18.81
N ILE A 81 -16.43 -0.77 18.48
CA ILE A 81 -16.54 -1.15 17.09
C ILE A 81 -17.23 -2.51 17.00
N ALA A 82 -18.11 -2.63 16.01
CA ALA A 82 -18.71 -3.89 15.65
C ALA A 82 -18.05 -4.39 14.38
N VAL A 83 -17.79 -5.68 14.32
CA VAL A 83 -17.21 -6.32 13.15
C VAL A 83 -18.28 -7.24 12.58
N ILE A 84 -18.82 -6.87 11.42
CA ILE A 84 -19.95 -7.55 10.82
C ILE A 84 -19.43 -8.50 9.74
N VAL A 85 -19.61 -9.79 9.96
CA VAL A 85 -19.05 -10.82 9.08
C VAL A 85 -20.15 -11.83 8.78
N THR A 86 -21.19 -11.38 8.08
CA THR A 86 -22.39 -12.19 7.87
C THR A 86 -22.63 -12.43 6.39
N SER A 87 -23.10 -11.43 5.65
CA SER A 87 -23.50 -11.59 4.27
C SER A 87 -22.53 -10.84 3.36
N SER A 88 -22.60 -11.12 2.06
CA SER A 88 -21.80 -10.40 1.09
C SER A 88 -22.49 -9.16 0.55
N TYR A 89 -23.72 -8.86 0.99
CA TYR A 89 -24.59 -7.92 0.30
C TYR A 89 -24.93 -6.73 1.17
N VAL A 90 -24.84 -5.53 0.58
CA VAL A 90 -25.17 -4.30 1.30
C VAL A 90 -26.60 -4.35 1.82
N GLU A 91 -27.52 -4.85 0.99
CA GLU A 91 -28.90 -4.96 1.42
C GLU A 91 -29.01 -5.74 2.72
N LYS A 92 -28.26 -6.84 2.83
CA LYS A 92 -28.41 -7.72 3.97
C LYS A 92 -27.59 -7.29 5.18
N VAL A 93 -26.53 -6.50 4.99
CA VAL A 93 -25.78 -5.99 6.15
C VAL A 93 -26.23 -4.59 6.55
N PHE A 94 -26.98 -3.89 5.71
CA PHE A 94 -27.40 -2.54 6.07
C PHE A 94 -28.17 -2.46 7.39
N PRO A 95 -29.14 -3.33 7.67
CA PRO A 95 -29.83 -3.22 8.98
C PRO A 95 -28.88 -3.35 10.16
N LEU A 96 -27.85 -4.23 10.05
CA LEU A 96 -26.89 -4.39 11.13
C LEU A 96 -26.02 -3.15 11.28
N ILE A 97 -25.48 -2.65 10.16
CA ILE A 97 -24.71 -1.41 10.18
C ILE A 97 -25.53 -0.28 10.78
N LYS A 98 -26.81 -0.21 10.41
CA LYS A 98 -27.68 0.86 10.90
C LYS A 98 -27.82 0.78 12.42
N LEU A 99 -28.06 -0.42 12.95
CA LEU A 99 -28.21 -0.57 14.40
C LEU A 99 -26.95 -0.13 15.13
N ALA A 100 -25.78 -0.58 14.66
CA ALA A 100 -24.54 -0.26 15.36
C ALA A 100 -24.24 1.23 15.31
N VAL A 101 -24.46 1.85 14.15
CA VAL A 101 -24.12 3.26 14.00
C VAL A 101 -25.10 4.14 14.78
N GLU A 102 -26.39 3.80 14.75
CA GLU A 102 -27.37 4.55 15.53
C GLU A 102 -27.12 4.46 17.03
N ASN A 103 -26.20 3.60 17.47
CA ASN A 103 -25.79 3.53 18.86
C ASN A 103 -24.35 4.00 19.07
N GLY A 104 -23.80 4.76 18.13
CA GLY A 104 -22.46 5.30 18.28
C GLY A 104 -21.32 4.29 18.24
N ILE A 105 -21.46 3.25 17.44
CA ILE A 105 -20.47 2.17 17.36
C ILE A 105 -19.92 2.11 15.94
N ASN A 106 -18.60 2.23 15.80
CA ASN A 106 -17.96 2.09 14.50
C ASN A 106 -18.19 0.69 13.94
N VAL A 107 -18.08 0.56 12.61
CA VAL A 107 -18.34 -0.70 11.92
C VAL A 107 -17.18 -1.03 10.99
N ILE A 108 -16.73 -2.29 11.05
CA ILE A 108 -15.96 -2.92 9.97
C ILE A 108 -16.76 -4.12 9.49
N THR A 109 -16.79 -4.33 8.18
CA THR A 109 -17.50 -5.48 7.66
C THR A 109 -16.71 -6.08 6.51
N THR A 110 -16.92 -7.38 6.29
CA THR A 110 -16.26 -8.12 5.23
C THR A 110 -17.10 -8.22 3.97
N ALA A 111 -18.32 -7.71 3.99
CA ALA A 111 -19.22 -7.88 2.85
C ALA A 111 -18.59 -7.31 1.59
N GLU A 112 -18.43 -8.17 0.58
CA GLU A 112 -17.69 -7.80 -0.63
C GLU A 112 -18.21 -6.48 -1.22
N GLU A 113 -19.53 -6.35 -1.35
CA GLU A 113 -20.07 -5.13 -1.92
C GLU A 113 -19.71 -3.91 -1.08
N MET A 114 -19.53 -4.09 0.24
CA MET A 114 -19.20 -2.96 1.11
C MET A 114 -17.77 -2.46 0.90
N ALA A 115 -16.91 -3.25 0.23
CA ALA A 115 -15.58 -2.76 -0.10
C ALA A 115 -15.67 -1.45 -0.87
N TYR A 116 -16.69 -1.31 -1.72
CA TYR A 116 -16.96 -0.06 -2.42
C TYR A 116 -18.44 0.01 -2.73
N PRO A 117 -19.27 0.33 -1.72
CA PRO A 117 -20.72 0.21 -1.91
C PRO A 117 -21.30 1.17 -2.94
N SER A 118 -20.64 2.30 -3.21
CA SER A 118 -21.14 3.23 -4.22
C SER A 118 -21.20 2.57 -5.60
N ALA A 119 -20.37 1.55 -5.84
CA ALA A 119 -20.34 0.90 -7.14
C ALA A 119 -21.73 0.40 -7.53
N GLN A 120 -22.36 -0.39 -6.67
CA GLN A 120 -23.63 -1.01 -7.00
C GLN A 120 -24.79 -0.58 -6.13
N HIS A 121 -24.57 0.24 -5.10
CA HIS A 121 -25.63 0.62 -4.17
C HIS A 121 -25.41 2.05 -3.66
N LEU A 122 -25.44 3.01 -4.59
CA LEU A 122 -25.06 4.38 -4.25
C LEU A 122 -25.99 4.97 -3.20
N GLU A 123 -27.28 4.70 -3.30
CA GLU A 123 -28.22 5.31 -2.35
C GLU A 123 -28.07 4.71 -0.97
N LEU A 124 -27.93 3.38 -0.87
CA LEU A 124 -27.60 2.76 0.40
C LEU A 124 -26.29 3.32 0.95
N ALA A 125 -25.29 3.49 0.08
CA ALA A 125 -24.01 4.01 0.54
C ALA A 125 -24.15 5.43 1.06
N LYS A 126 -24.94 6.26 0.37
CA LYS A 126 -25.17 7.62 0.85
C LYS A 126 -25.81 7.61 2.23
N GLU A 127 -26.78 6.73 2.45
CA GLU A 127 -27.44 6.69 3.75
C GLU A 127 -26.49 6.19 4.84
N ILE A 128 -25.69 5.17 4.54
CA ILE A 128 -24.69 4.71 5.50
C ILE A 128 -23.78 5.86 5.88
N ASP A 129 -23.31 6.62 4.89
CA ASP A 129 -22.44 7.75 5.18
C ASP A 129 -23.15 8.78 6.04
N ARG A 130 -24.45 9.01 5.76
CA ARG A 130 -25.18 10.02 6.52
C ARG A 130 -25.38 9.59 7.96
N LEU A 131 -25.84 8.35 8.18
CA LEU A 131 -26.04 7.86 9.53
C LEU A 131 -24.74 7.89 10.32
N ALA A 132 -23.65 7.49 9.68
CA ALA A 132 -22.36 7.42 10.37
C ALA A 132 -21.89 8.82 10.77
N ARG A 133 -21.95 9.78 9.85
CA ARG A 133 -21.54 11.14 10.22
C ARG A 133 -22.46 11.72 11.27
N GLU A 134 -23.76 11.42 11.20
CA GLU A 134 -24.70 11.93 12.19
C GLU A 134 -24.41 11.37 13.58
N ASN A 135 -23.83 10.17 13.66
CA ASN A 135 -23.54 9.53 14.93
C ASN A 135 -22.05 9.51 15.28
N GLY A 136 -21.22 10.24 14.52
CA GLY A 136 -19.82 10.38 14.88
C GLY A 136 -19.00 9.11 14.83
N VAL A 137 -19.34 8.18 13.93
CA VAL A 137 -18.67 6.91 13.80
C VAL A 137 -18.30 6.69 12.34
N SER A 138 -17.42 5.74 12.10
CA SER A 138 -16.94 5.46 10.75
C SER A 138 -17.32 4.05 10.36
N VAL A 139 -17.52 3.83 9.06
CA VAL A 139 -17.89 2.53 8.50
C VAL A 139 -16.90 2.19 7.40
N LEU A 140 -16.37 0.96 7.45
CA LEU A 140 -15.42 0.49 6.44
C LEU A 140 -15.76 -0.95 6.10
N GLY A 141 -15.81 -1.24 4.80
CA GLY A 141 -15.82 -2.61 4.31
C GLY A 141 -14.41 -2.95 3.82
N THR A 142 -13.97 -4.17 4.12
CA THR A 142 -12.61 -4.53 3.73
C THR A 142 -12.52 -6.04 3.63
N GLY A 143 -11.31 -6.52 3.37
CA GLY A 143 -11.07 -7.92 3.09
C GLY A 143 -9.89 -8.03 2.17
N ILE A 144 -9.55 -9.27 1.83
CA ILE A 144 -8.41 -9.49 0.94
C ILE A 144 -8.81 -9.20 -0.50
N ASN A 145 -10.00 -9.63 -0.90
CA ASN A 145 -10.47 -9.48 -2.27
C ASN A 145 -11.98 -9.62 -2.33
N PRO A 146 -12.72 -8.51 -2.48
CA PRO A 146 -12.17 -7.16 -2.60
C PRO A 146 -11.70 -6.61 -1.26
N GLY A 147 -10.94 -5.52 -1.31
CA GLY A 147 -10.49 -4.83 -0.11
C GLY A 147 -8.98 -4.67 -0.01
N PHE A 148 -8.21 -5.57 -0.65
CA PHE A 148 -6.77 -5.38 -0.58
C PHE A 148 -6.00 -5.70 -1.87
N VAL A 149 -5.88 -6.99 -2.22
CA VAL A 149 -4.82 -7.37 -3.15
C VAL A 149 -5.13 -7.00 -4.60
N LEU A 150 -6.41 -7.00 -4.98
CA LEU A 150 -6.81 -6.62 -6.33
C LEU A 150 -7.43 -5.22 -6.40
N ASP A 151 -7.24 -4.38 -5.38
CA ASP A 151 -7.63 -2.99 -5.51
C ASP A 151 -6.65 -2.07 -4.78
N TYR A 152 -6.63 -2.10 -3.45
CA TYR A 152 -5.75 -1.23 -2.67
C TYR A 152 -4.29 -1.38 -3.09
N LEU A 153 -3.83 -2.62 -3.19
CA LEU A 153 -2.42 -2.86 -3.51
C LEU A 153 -2.10 -2.44 -4.95
N ILE A 154 -3.02 -2.68 -5.88
CA ILE A 154 -2.84 -2.19 -7.25
C ILE A 154 -2.77 -0.68 -7.26
N ILE A 155 -3.74 -0.03 -6.61
CA ILE A 155 -3.76 1.43 -6.57
C ILE A 155 -2.45 1.96 -6.02
N ALA A 156 -1.93 1.33 -4.96
CA ALA A 156 -0.69 1.79 -4.35
C ALA A 156 0.46 1.77 -5.34
N LEU A 157 0.56 0.71 -6.15
CA LEU A 157 1.64 0.65 -7.12
C LEU A 157 1.49 1.70 -8.23
N THR A 158 0.26 2.08 -8.60
CA THR A 158 0.17 3.11 -9.62
C THR A 158 0.72 4.43 -9.11
N GLY A 159 0.82 4.61 -7.80
CA GLY A 159 1.40 5.81 -7.23
C GLY A 159 2.88 6.00 -7.55
N VAL A 160 3.56 4.97 -8.01
CA VAL A 160 4.92 5.16 -8.50
C VAL A 160 4.97 5.31 -10.03
N CYS A 161 3.83 5.54 -10.68
CA CYS A 161 3.75 5.60 -12.14
C CYS A 161 3.53 7.03 -12.60
N VAL A 162 4.36 7.46 -13.56
CA VAL A 162 4.14 8.74 -14.20
C VAL A 162 2.82 8.74 -14.96
N ASP A 163 2.41 7.59 -15.49
CA ASP A 163 1.27 7.48 -16.38
C ASP A 163 0.88 6.01 -16.50
N VAL A 164 -0.42 5.72 -16.45
CA VAL A 164 -0.94 4.35 -16.47
C VAL A 164 -1.80 4.15 -17.71
N ASP A 165 -1.40 3.21 -18.57
CA ASP A 165 -2.25 2.85 -19.70
C ASP A 165 -3.36 1.90 -19.28
N SER A 166 -2.99 0.73 -18.76
CA SER A 166 -3.97 -0.26 -18.38
C SER A 166 -3.45 -1.05 -17.18
N ILE A 167 -4.32 -1.89 -16.64
CA ILE A 167 -4.03 -2.73 -15.49
C ILE A 167 -4.61 -4.11 -15.75
N LYS A 168 -3.82 -5.14 -15.53
CA LYS A 168 -4.26 -6.52 -15.65
C LYS A 168 -3.74 -7.28 -14.45
N ALA A 169 -4.62 -8.05 -13.82
CA ALA A 169 -4.28 -8.69 -12.55
C ALA A 169 -5.10 -9.95 -12.37
N ALA A 170 -4.43 -10.99 -11.85
CA ALA A 170 -5.08 -12.26 -11.54
C ALA A 170 -4.73 -12.70 -10.13
N ARG A 171 -5.69 -13.35 -9.49
CA ARG A 171 -5.50 -13.99 -8.19
C ARG A 171 -5.95 -15.45 -8.33
N ILE A 172 -5.02 -16.37 -8.13
CA ILE A 172 -5.23 -17.80 -8.36
C ILE A 172 -5.05 -18.54 -7.04
N ASN A 173 -6.06 -19.30 -6.63
CA ASN A 173 -5.99 -20.11 -5.42
C ASN A 173 -6.18 -21.60 -5.76
N ASP A 174 -6.20 -22.42 -4.71
CA ASP A 174 -6.46 -23.84 -4.80
C ASP A 174 -7.60 -24.18 -3.85
N LEU A 175 -8.74 -24.59 -4.41
CA LEU A 175 -9.93 -24.91 -3.61
C LEU A 175 -9.84 -26.27 -2.94
N SER A 176 -8.81 -27.06 -3.24
CA SER A 176 -8.57 -28.40 -2.73
C SER A 176 -9.04 -28.65 -1.29
N PRO A 177 -8.71 -27.80 -0.31
CA PRO A 177 -9.01 -28.18 1.07
C PRO A 177 -10.35 -27.70 1.61
N PHE A 178 -11.35 -27.42 0.78
CA PHE A 178 -12.47 -26.60 1.25
C PHE A 178 -13.76 -27.37 1.53
N GLY A 179 -14.25 -28.19 0.61
CA GLY A 179 -15.40 -29.02 0.93
C GLY A 179 -16.62 -28.71 0.07
N LYS A 180 -17.68 -29.47 0.35
CA LYS A 180 -18.79 -29.61 -0.60
C LYS A 180 -19.52 -28.29 -0.82
N ALA A 181 -19.69 -27.50 0.23
CA ALA A 181 -20.29 -26.18 0.07
C ALA A 181 -19.54 -25.37 -0.99
N VAL A 182 -18.22 -25.26 -0.83
CA VAL A 182 -17.43 -24.42 -1.74
C VAL A 182 -17.36 -25.05 -3.13
N MET A 183 -17.24 -26.38 -3.22
CA MET A 183 -17.21 -27.05 -4.52
C MET A 183 -18.41 -26.65 -5.37
N GLU A 184 -19.61 -26.72 -4.79
CA GLU A 184 -20.81 -26.37 -5.54
C GLU A 184 -20.85 -24.88 -5.87
N GLU A 185 -20.25 -24.05 -5.02
CA GLU A 185 -20.23 -22.62 -5.29
C GLU A 185 -19.39 -22.30 -6.53
N GLN A 186 -18.41 -23.14 -6.83
CA GLN A 186 -17.49 -22.91 -7.93
C GLN A 186 -17.69 -23.89 -9.08
N GLY A 187 -18.72 -24.74 -9.01
CA GLY A 187 -19.05 -25.62 -10.11
C GLY A 187 -18.07 -26.75 -10.32
N VAL A 188 -17.43 -27.22 -9.25
CA VAL A 188 -16.42 -28.26 -9.37
C VAL A 188 -17.10 -29.59 -9.68
N GLY A 189 -16.55 -30.32 -10.66
CA GLY A 189 -17.10 -31.61 -11.05
C GLY A 189 -18.33 -31.54 -11.93
N LEU A 190 -18.82 -30.35 -12.25
CA LEU A 190 -19.99 -30.21 -13.10
C LEU A 190 -19.62 -30.51 -14.54
N THR A 191 -20.55 -30.24 -15.43
CA THR A 191 -20.47 -30.25 -16.87
C THR A 191 -20.53 -28.82 -17.39
N PRO A 192 -19.81 -28.50 -18.47
CA PRO A 192 -19.95 -27.15 -19.06
C PRO A 192 -21.39 -26.77 -19.33
N GLU A 193 -22.27 -27.76 -19.54
CA GLU A 193 -23.70 -27.51 -19.72
C GLU A 193 -24.35 -27.15 -18.38
N GLU A 194 -24.22 -28.03 -17.37
CA GLU A 194 -24.77 -27.70 -16.06
C GLU A 194 -24.11 -26.46 -15.48
N PHE A 195 -22.85 -26.19 -15.83
CA PHE A 195 -22.15 -25.05 -15.26
C PHE A 195 -22.88 -23.75 -15.57
N GLU A 196 -23.09 -23.47 -16.87
CA GLU A 196 -23.80 -22.25 -17.23
C GLU A 196 -25.23 -22.28 -16.73
N GLU A 197 -25.88 -23.45 -16.81
CA GLU A 197 -27.16 -23.60 -16.13
C GLU A 197 -27.03 -23.27 -14.64
N GLY A 198 -25.95 -23.73 -14.03
CA GLY A 198 -25.70 -23.39 -12.64
C GLY A 198 -25.49 -21.90 -12.43
N VAL A 199 -24.82 -21.26 -13.38
CA VAL A 199 -24.57 -19.82 -13.26
C VAL A 199 -25.88 -19.04 -13.32
N LYS A 200 -26.75 -19.42 -14.27
CA LYS A 200 -27.98 -18.66 -14.49
C LYS A 200 -28.90 -18.75 -13.28
N ASN A 201 -29.13 -19.96 -12.78
CA ASN A 201 -30.02 -20.15 -11.64
C ASN A 201 -29.38 -19.72 -10.33
N GLY A 202 -28.11 -19.35 -10.33
CA GLY A 202 -27.46 -18.84 -9.15
C GLY A 202 -26.74 -19.85 -8.29
N THR A 203 -26.78 -21.15 -8.64
CA THR A 203 -26.12 -22.14 -7.80
C THR A 203 -24.60 -22.04 -7.87
N VAL A 204 -24.06 -21.47 -8.93
CA VAL A 204 -22.64 -21.20 -9.05
C VAL A 204 -22.43 -19.71 -8.83
N ALA A 205 -21.74 -19.37 -7.74
CA ALA A 205 -21.64 -17.99 -7.31
C ALA A 205 -20.38 -17.29 -7.81
N GLY A 206 -19.35 -18.03 -8.17
CA GLY A 206 -18.14 -17.40 -8.69
C GLY A 206 -17.50 -16.51 -7.63
N HIS A 207 -17.24 -15.26 -8.01
CA HIS A 207 -16.59 -14.32 -7.12
C HIS A 207 -17.36 -13.01 -7.09
N ILE A 208 -17.69 -12.55 -5.88
CA ILE A 208 -18.32 -11.25 -5.67
C ILE A 208 -17.23 -10.23 -5.37
N GLY A 209 -17.30 -9.06 -6.01
CA GLY A 209 -16.37 -8.00 -5.68
C GLY A 209 -15.72 -7.23 -6.80
N PHE A 210 -15.68 -7.79 -8.02
CA PHE A 210 -14.99 -7.09 -9.11
C PHE A 210 -15.58 -5.71 -9.42
N PRO A 211 -16.90 -5.49 -9.43
CA PRO A 211 -17.38 -4.11 -9.61
C PRO A 211 -16.84 -3.17 -8.56
N GLU A 212 -16.77 -3.61 -7.31
CA GLU A 212 -16.27 -2.74 -6.25
C GLU A 212 -14.79 -2.45 -6.44
N SER A 213 -14.00 -3.51 -6.66
CA SER A 213 -12.58 -3.32 -6.94
C SER A 213 -12.36 -2.41 -8.14
N ILE A 214 -13.02 -2.71 -9.26
CA ILE A 214 -12.79 -1.92 -10.47
C ILE A 214 -13.17 -0.46 -10.27
N SER A 215 -14.28 -0.21 -9.55
CA SER A 215 -14.70 1.17 -9.29
C SER A 215 -13.76 1.87 -8.32
N MET A 216 -13.30 1.17 -7.29
CA MET A 216 -12.34 1.77 -6.39
C MET A 216 -11.10 2.25 -7.13
N ILE A 217 -10.59 1.45 -8.07
CA ILE A 217 -9.37 1.82 -8.78
C ILE A 217 -9.57 3.10 -9.59
N CYS A 218 -10.67 3.17 -10.37
CA CYS A 218 -10.95 4.32 -11.23
C CYS A 218 -11.15 5.61 -10.47
N ASP A 219 -11.98 5.56 -9.46
CA ASP A 219 -12.16 6.73 -8.60
C ASP A 219 -10.85 7.19 -8.02
N ALA A 220 -9.99 6.23 -7.67
CA ALA A 220 -8.68 6.56 -7.14
C ALA A 220 -7.83 7.27 -8.20
N LEU A 221 -7.82 6.74 -9.42
CA LEU A 221 -6.97 7.30 -10.46
C LEU A 221 -7.58 8.51 -11.16
N GLY A 222 -8.86 8.76 -10.98
CA GLY A 222 -9.51 9.80 -11.74
C GLY A 222 -10.09 9.35 -13.07
N TRP A 223 -10.10 8.05 -13.33
CA TRP A 223 -10.80 7.54 -14.51
C TRP A 223 -12.30 7.59 -14.32
N LYS A 224 -13.00 7.86 -15.41
CA LYS A 224 -14.46 7.78 -15.43
C LYS A 224 -14.85 6.55 -16.25
N LEU A 225 -15.60 5.65 -15.61
CA LEU A 225 -15.93 4.38 -16.22
C LEU A 225 -16.98 4.55 -17.31
N SER A 226 -16.77 3.89 -18.45
CA SER A 226 -17.87 3.74 -19.40
C SER A 226 -18.80 2.61 -18.99
N GLY A 227 -18.25 1.56 -18.39
CA GLY A 227 -19.07 0.47 -17.88
C GLY A 227 -18.21 -0.64 -17.37
N ILE A 228 -18.87 -1.57 -16.68
CA ILE A 228 -18.24 -2.79 -16.17
C ILE A 228 -18.90 -3.97 -16.83
N GLU A 229 -18.10 -4.91 -17.33
CA GLU A 229 -18.61 -6.15 -17.86
C GLU A 229 -17.91 -7.29 -17.15
N GLN A 230 -18.66 -8.36 -16.88
CA GLN A 230 -18.14 -9.53 -16.19
C GLN A 230 -18.54 -10.80 -16.93
N THR A 231 -17.63 -11.77 -16.96
CA THR A 231 -17.95 -13.11 -17.40
C THR A 231 -17.65 -14.07 -16.25
N ARG A 232 -18.27 -15.26 -16.31
CA ARG A 232 -18.15 -16.29 -15.29
C ARG A 232 -18.17 -17.64 -16.00
N GLU A 233 -17.08 -17.94 -16.68
CA GLU A 233 -16.94 -19.16 -17.47
C GLU A 233 -16.38 -20.28 -16.61
N PRO A 234 -16.54 -21.54 -17.03
CA PRO A 234 -15.98 -22.65 -16.27
C PRO A 234 -14.52 -22.90 -16.64
N ILE A 235 -13.90 -23.81 -15.91
CA ILE A 235 -12.53 -24.24 -16.12
C ILE A 235 -12.58 -25.73 -16.37
N VAL A 236 -12.39 -26.13 -17.63
CA VAL A 236 -12.59 -27.52 -18.04
C VAL A 236 -11.27 -28.27 -17.84
N SER A 237 -11.28 -29.29 -17.00
CA SER A 237 -10.04 -30.02 -16.76
C SER A 237 -9.61 -30.83 -17.99
N LYS A 238 -8.28 -30.94 -18.21
CA LYS A 238 -7.68 -31.97 -19.07
C LYS A 238 -7.08 -33.12 -18.27
N THR A 239 -7.43 -33.24 -16.99
CA THR A 239 -6.70 -34.08 -16.07
C THR A 239 -7.68 -34.60 -15.03
N TYR A 240 -7.30 -35.69 -14.40
CA TYR A 240 -8.06 -36.23 -13.29
C TYR A 240 -7.63 -35.53 -12.01
N ARG A 241 -8.60 -34.94 -11.30
CA ARG A 241 -8.34 -34.22 -10.06
C ARG A 241 -9.31 -34.71 -9.00
N GLU A 242 -8.79 -35.18 -7.87
CA GLU A 242 -9.60 -35.76 -6.82
C GLU A 242 -9.21 -35.18 -5.47
N THR A 243 -10.20 -34.66 -4.76
CA THR A 243 -10.07 -34.26 -3.36
C THR A 243 -11.13 -35.04 -2.61
N PRO A 244 -11.08 -35.11 -1.28
CA PRO A 244 -12.11 -35.83 -0.53
C PRO A 244 -13.52 -35.28 -0.73
N TYR A 245 -13.66 -34.18 -1.47
CA TYR A 245 -14.95 -33.57 -1.70
C TYR A 245 -15.32 -33.40 -3.17
N ALA A 246 -14.45 -33.82 -4.09
CA ALA A 246 -14.76 -33.66 -5.50
C ALA A 246 -14.00 -34.69 -6.31
N ARG A 247 -14.53 -34.98 -7.49
CA ARG A 247 -13.88 -35.83 -8.48
C ARG A 247 -14.16 -35.21 -9.84
N VAL A 248 -13.09 -34.86 -10.56
CA VAL A 248 -13.20 -34.16 -11.83
C VAL A 248 -12.40 -34.94 -12.86
N GLU A 249 -13.07 -35.73 -13.66
CA GLU A 249 -12.37 -36.42 -14.72
C GLU A 249 -12.33 -35.56 -15.97
N PRO A 250 -11.33 -35.76 -16.83
CA PRO A 250 -11.07 -34.79 -17.91
C PRO A 250 -12.30 -34.50 -18.76
N GLY A 251 -12.54 -33.21 -19.00
CA GLY A 251 -13.73 -32.74 -19.68
C GLY A 251 -14.74 -32.07 -18.78
N TYR A 252 -14.64 -32.28 -17.46
CA TYR A 252 -15.59 -31.74 -16.50
C TYR A 252 -14.98 -30.55 -15.77
N VAL A 253 -15.87 -29.68 -15.27
CA VAL A 253 -15.45 -28.38 -14.74
C VAL A 253 -14.68 -28.57 -13.44
N ALA A 254 -13.42 -28.12 -13.44
CA ALA A 254 -12.59 -28.18 -12.24
C ALA A 254 -12.72 -26.94 -11.36
N GLY A 255 -13.27 -25.85 -11.89
CA GLY A 255 -13.50 -24.65 -11.11
C GLY A 255 -14.12 -23.56 -11.96
N CYS A 256 -14.35 -22.42 -11.32
CA CYS A 256 -15.00 -21.28 -11.94
C CYS A 256 -14.02 -20.11 -12.05
N ARG A 257 -13.96 -19.50 -13.23
CA ARG A 257 -13.11 -18.33 -13.47
C ARG A 257 -14.00 -17.12 -13.63
N GLN A 258 -13.80 -16.12 -12.77
CA GLN A 258 -14.49 -14.85 -12.89
C GLN A 258 -13.55 -13.87 -13.55
N ILE A 259 -14.10 -13.01 -14.42
CA ILE A 259 -13.31 -11.96 -15.07
C ILE A 259 -14.13 -10.67 -15.04
N GLY A 260 -13.46 -9.57 -14.71
CA GLY A 260 -14.10 -8.26 -14.69
C GLY A 260 -13.38 -7.34 -15.64
N TYR A 261 -14.13 -6.49 -16.33
CA TYR A 261 -13.58 -5.56 -17.31
C TYR A 261 -14.08 -4.17 -16.98
N GLY A 262 -13.13 -3.28 -16.65
CA GLY A 262 -13.44 -1.89 -16.46
C GLY A 262 -13.10 -1.14 -17.73
N LYS A 263 -14.10 -0.48 -18.30
CA LYS A 263 -13.97 0.22 -19.56
C LYS A 263 -14.07 1.72 -19.34
N VAL A 264 -13.13 2.46 -19.92
CA VAL A 264 -13.13 3.92 -19.90
C VAL A 264 -13.18 4.38 -21.35
N ASP A 265 -14.20 5.17 -21.68
CA ASP A 265 -14.49 5.55 -23.07
C ASP A 265 -14.52 4.33 -23.97
N GLY A 266 -15.21 3.29 -23.51
CA GLY A 266 -15.38 2.07 -24.27
C GLY A 266 -14.16 1.19 -24.35
N GLU A 267 -12.98 1.68 -23.98
CA GLU A 267 -11.75 0.89 -24.02
C GLU A 267 -11.48 0.24 -22.67
N VAL A 268 -10.98 -0.99 -22.71
CA VAL A 268 -10.74 -1.76 -21.48
C VAL A 268 -9.45 -1.27 -20.80
N LYS A 269 -9.60 -0.70 -19.62
CA LYS A 269 -8.45 -0.23 -18.84
C LYS A 269 -8.08 -1.15 -17.69
N ILE A 270 -9.02 -1.89 -17.12
CA ILE A 270 -8.75 -2.80 -16.01
C ILE A 270 -9.33 -4.17 -16.34
N GLU A 271 -8.51 -5.20 -16.23
CA GLU A 271 -8.98 -6.58 -16.29
C GLU A 271 -8.53 -7.32 -15.05
N LEU A 272 -9.49 -7.82 -14.26
CA LEU A 272 -9.24 -8.62 -13.08
C LEU A 272 -9.77 -10.03 -13.31
N GLU A 273 -8.99 -11.03 -12.90
CA GLU A 273 -9.36 -12.43 -13.11
C GLU A 273 -9.12 -13.23 -11.83
N HIS A 274 -10.08 -14.09 -11.49
CA HIS A 274 -10.00 -14.89 -10.26
C HIS A 274 -10.41 -16.33 -10.57
N PRO A 275 -9.47 -17.16 -11.03
CA PRO A 275 -9.76 -18.58 -11.26
C PRO A 275 -9.64 -19.41 -9.99
N GLN A 276 -10.78 -19.83 -9.46
CA GLN A 276 -10.83 -20.75 -8.32
C GLN A 276 -11.05 -22.16 -8.84
N GLN A 277 -10.17 -23.07 -8.46
CA GLN A 277 -10.23 -24.45 -8.94
C GLN A 277 -9.53 -25.35 -7.94
N ILE A 278 -9.92 -26.60 -7.93
CA ILE A 278 -9.18 -27.59 -7.16
C ILE A 278 -7.89 -27.91 -7.91
N LEU A 279 -6.85 -28.20 -7.14
CA LEU A 279 -5.53 -28.66 -7.59
C LEU A 279 -5.10 -28.07 -8.93
N PRO A 280 -4.87 -26.76 -8.99
CA PRO A 280 -4.34 -26.19 -10.23
C PRO A 280 -2.99 -26.74 -10.61
N GLN A 281 -2.22 -27.25 -9.66
CA GLN A 281 -0.90 -27.79 -9.96
C GLN A 281 -0.95 -29.06 -10.78
N LYS A 282 -2.13 -29.71 -10.92
CA LYS A 282 -2.18 -30.92 -11.73
C LYS A 282 -2.13 -30.59 -13.21
N GLU A 283 -2.50 -29.38 -13.59
CA GLU A 283 -1.97 -28.81 -14.81
C GLU A 283 -0.87 -27.82 -14.41
N GLY A 284 -0.53 -26.88 -15.28
CA GLY A 284 0.67 -26.14 -14.93
C GLY A 284 0.48 -24.95 -14.01
N VAL A 285 -0.70 -24.74 -13.44
CA VAL A 285 -1.11 -23.43 -12.94
C VAL A 285 -0.57 -23.20 -11.52
N GLU A 286 0.21 -22.12 -11.36
CA GLU A 286 0.74 -21.75 -10.05
C GLU A 286 -0.17 -20.75 -9.37
N THR A 287 -0.43 -20.97 -8.08
CA THR A 287 -1.22 -20.02 -7.32
C THR A 287 -0.42 -18.75 -7.10
N GLY A 288 -1.12 -17.69 -6.71
CA GLY A 288 -0.44 -16.45 -6.45
C GLY A 288 -1.34 -15.27 -6.75
N ASP A 289 -0.84 -14.08 -6.39
CA ASP A 289 -1.43 -12.81 -6.76
C ASP A 289 -0.51 -12.17 -7.78
N TYR A 290 -1.05 -11.81 -8.94
CA TYR A 290 -0.25 -11.33 -10.07
C TYR A 290 -0.80 -9.99 -10.51
N ILE A 291 0.05 -8.97 -10.51
CA ILE A 291 -0.37 -7.62 -10.87
C ILE A 291 0.59 -7.09 -11.93
N GLU A 292 0.03 -6.53 -12.98
CA GLU A 292 0.83 -5.92 -14.04
C GLU A 292 0.22 -4.59 -14.41
N ILE A 293 1.00 -3.53 -14.26
CA ILE A 293 0.58 -2.17 -14.61
C ILE A 293 1.29 -1.79 -15.89
N LYS A 294 0.52 -1.59 -16.95
CA LYS A 294 1.07 -1.14 -18.23
C LYS A 294 1.05 0.38 -18.24
N GLY A 295 2.23 0.99 -18.33
CA GLY A 295 2.35 2.44 -18.38
C GLY A 295 3.80 2.90 -18.31
N THR A 296 4.04 4.01 -17.62
CA THR A 296 5.38 4.55 -17.40
C THR A 296 5.63 4.68 -15.91
N PRO A 297 6.35 3.74 -15.29
CA PRO A 297 6.92 2.56 -15.96
C PRO A 297 5.95 1.39 -15.99
N ASN A 298 6.39 0.25 -16.54
CA ASN A 298 5.65 -0.99 -16.36
C ASN A 298 6.07 -1.60 -15.03
N ILE A 299 5.12 -2.22 -14.35
CA ILE A 299 5.40 -2.86 -13.06
C ILE A 299 4.73 -4.23 -13.05
N LYS A 300 5.53 -5.26 -12.77
CA LYS A 300 5.02 -6.63 -12.64
C LYS A 300 5.33 -7.11 -11.22
N LEU A 301 4.30 -7.26 -10.40
CA LEU A 301 4.41 -7.70 -9.02
C LEU A 301 3.79 -9.07 -8.86
N SER A 302 4.39 -9.90 -8.02
CA SER A 302 3.89 -11.26 -7.80
C SER A 302 4.01 -11.65 -6.33
N ILE A 303 2.92 -12.21 -5.77
CA ILE A 303 2.88 -12.73 -4.40
C ILE A 303 2.67 -14.24 -4.49
N LYS A 304 3.70 -15.03 -4.20
CA LYS A 304 3.64 -16.49 -4.36
C LYS A 304 3.90 -17.18 -3.04
N PRO A 305 2.98 -18.02 -2.52
CA PRO A 305 1.60 -18.23 -3.00
C PRO A 305 0.73 -17.01 -2.71
N GLU A 306 -0.54 -17.06 -3.06
CA GLU A 306 -1.41 -15.91 -2.87
C GLU A 306 -1.59 -15.62 -1.38
N ILE A 307 -1.96 -14.38 -1.08
CA ILE A 307 -2.29 -14.03 0.30
C ILE A 307 -3.49 -14.88 0.69
N PRO A 308 -3.39 -15.72 1.71
CA PRO A 308 -4.52 -16.60 2.04
C PRO A 308 -5.79 -15.79 2.30
N GLY A 309 -6.85 -16.16 1.58
CA GLY A 309 -8.05 -15.35 1.60
C GLY A 309 -8.70 -15.27 2.97
N GLY A 310 -8.74 -16.39 3.68
CA GLY A 310 -9.41 -16.41 4.97
C GLY A 310 -8.57 -15.77 6.05
N LEU A 311 -7.33 -16.24 6.17
CA LEU A 311 -6.46 -15.76 7.23
C LEU A 311 -6.12 -14.30 7.02
N GLY A 312 -5.90 -13.89 5.76
CA GLY A 312 -5.60 -12.49 5.50
C GLY A 312 -6.77 -11.59 5.80
N THR A 313 -8.00 -12.06 5.54
CA THR A 313 -9.17 -11.25 5.82
C THR A 313 -9.38 -11.08 7.31
N ILE A 314 -9.24 -12.17 8.07
CA ILE A 314 -9.30 -12.10 9.54
C ILE A 314 -8.32 -11.06 10.05
N ALA A 315 -7.06 -11.17 9.60
CA ALA A 315 -6.02 -10.26 10.06
C ALA A 315 -6.32 -8.82 9.66
N LEU A 316 -6.68 -8.61 8.39
CA LEU A 316 -6.92 -7.26 7.91
C LEU A 316 -8.08 -6.62 8.65
N CYS A 317 -9.13 -7.38 8.96
CA CYS A 317 -10.24 -6.82 9.70
C CYS A 317 -9.79 -6.32 11.06
N VAL A 318 -9.08 -7.17 11.80
CA VAL A 318 -8.64 -6.78 13.14
C VAL A 318 -7.66 -5.61 13.06
N ASN A 319 -6.70 -5.68 12.14
CA ASN A 319 -5.66 -4.68 12.08
C ASN A 319 -6.21 -3.31 11.71
N MET A 320 -7.31 -3.25 10.95
CA MET A 320 -7.92 -1.99 10.57
C MET A 320 -8.82 -1.39 11.65
N ILE A 321 -9.09 -2.12 12.74
CA ILE A 321 -9.94 -1.61 13.81
C ILE A 321 -9.49 -0.24 14.31
N PRO A 322 -8.23 -0.03 14.70
CA PRO A 322 -7.85 1.31 15.19
C PRO A 322 -7.93 2.38 14.12
N HIS A 323 -7.68 2.06 12.85
CA HIS A 323 -7.77 3.09 11.83
C HIS A 323 -9.22 3.51 11.61
N VAL A 324 -10.16 2.57 11.72
CA VAL A 324 -11.56 2.94 11.55
C VAL A 324 -12.05 3.74 12.75
N ILE A 325 -11.64 3.34 13.96
CA ILE A 325 -11.97 4.14 15.14
C ILE A 325 -11.41 5.54 14.99
N ASN A 326 -10.14 5.64 14.59
CA ASN A 326 -9.47 6.93 14.46
C ASN A 326 -9.96 7.75 13.27
N ALA A 327 -10.55 7.11 12.27
CA ALA A 327 -11.03 7.84 11.11
C ALA A 327 -12.10 8.84 11.51
N GLU A 328 -12.15 9.95 10.79
CA GLU A 328 -13.22 10.91 11.01
C GLU A 328 -14.54 10.32 10.51
N PRO A 329 -15.67 10.75 11.08
CA PRO A 329 -16.93 10.01 10.89
C PRO A 329 -17.38 9.94 9.45
N GLY A 330 -18.15 8.90 9.14
CA GLY A 330 -18.72 8.70 7.83
C GLY A 330 -18.32 7.37 7.23
N LEU A 331 -18.86 7.13 6.04
CA LEU A 331 -18.45 5.97 5.26
C LEU A 331 -17.05 6.20 4.69
N VAL A 332 -16.17 5.22 4.87
CA VAL A 332 -14.81 5.28 4.37
C VAL A 332 -14.51 3.99 3.61
N THR A 333 -13.54 4.08 2.71
CA THR A 333 -13.03 2.92 1.99
C THR A 333 -11.53 2.83 2.22
N MET A 334 -10.92 1.76 1.70
CA MET A 334 -9.47 1.64 1.74
C MET A 334 -8.75 2.79 1.03
N LEU A 335 -9.46 3.67 0.33
CA LEU A 335 -8.84 4.84 -0.29
C LEU A 335 -8.66 5.99 0.69
N ASP A 336 -9.29 5.92 1.87
CA ASP A 336 -9.29 7.05 2.78
C ASP A 336 -8.36 6.87 3.97
N LEU A 337 -7.97 5.64 4.29
CA LEU A 337 -7.36 5.33 5.57
C LEU A 337 -5.86 5.27 5.46
N PRO A 338 -5.15 5.45 6.58
CA PRO A 338 -3.69 5.24 6.58
C PRO A 338 -3.33 3.81 6.25
N VAL A 339 -2.04 3.50 6.21
CA VAL A 339 -1.63 2.22 5.62
C VAL A 339 -1.94 1.08 6.58
N PRO A 340 -2.49 -0.04 6.11
CA PRO A 340 -2.61 -1.22 6.97
C PRO A 340 -1.26 -1.60 7.55
N ARG A 341 -1.29 -2.12 8.77
CA ARG A 341 -0.08 -2.54 9.46
C ARG A 341 -0.45 -3.58 10.50
N ALA A 342 0.44 -4.55 10.69
CA ALA A 342 0.28 -5.50 11.79
C ALA A 342 0.31 -4.78 13.14
N ILE A 343 -0.36 -5.38 14.12
CA ILE A 343 -0.39 -4.85 15.48
C ILE A 343 0.48 -5.72 16.37
N MET A 344 1.74 -5.34 16.54
CA MET A 344 2.67 -6.12 17.36
C MET A 344 2.91 -5.47 18.71
N GLY A 345 2.42 -4.25 18.91
CA GLY A 345 2.45 -3.61 20.19
C GLY A 345 1.13 -3.80 20.90
N ASP A 346 0.74 -2.76 21.64
CA ASP A 346 -0.52 -2.72 22.36
C ASP A 346 -1.46 -1.84 21.54
N ALA A 347 -2.59 -2.41 21.14
CA ALA A 347 -3.51 -1.70 20.25
C ALA A 347 -4.00 -0.39 20.85
N ARG A 348 -3.97 -0.26 22.17
CA ARG A 348 -4.46 0.97 22.79
C ARG A 348 -3.59 2.17 22.44
N ASP A 349 -2.29 1.95 22.24
CA ASP A 349 -1.40 3.04 21.86
C ASP A 349 -1.68 3.60 20.47
N MET A 350 -2.48 2.91 19.66
CA MET A 350 -2.81 3.41 18.33
C MET A 350 -4.01 4.33 18.31
N ILE A 351 -4.73 4.46 19.42
CA ILE A 351 -5.98 5.22 19.43
C ILE A 351 -5.66 6.70 19.64
N ARG A 352 -5.93 7.51 18.61
CA ARG A 352 -5.64 8.94 18.60
C ARG A 352 -6.88 9.72 19.00
N ARG A 353 -6.70 10.69 19.90
CA ARG A 353 -7.81 11.49 20.41
C ARG A 353 -7.87 12.85 19.72
N ARG A 354 -9.06 13.25 19.25
CA ARG A 354 -9.31 14.62 18.82
C ARG A 354 -10.13 15.36 19.86
N HIS B 6 -15.90 24.43 -6.49
CA HIS B 6 -15.79 23.65 -7.71
C HIS B 6 -15.44 24.51 -8.93
N HIS B 7 -16.06 25.69 -9.04
CA HIS B 7 -15.93 26.51 -10.24
C HIS B 7 -14.69 27.41 -10.16
N HIS B 8 -13.91 27.42 -11.24
CA HIS B 8 -12.68 28.20 -11.33
C HIS B 8 -11.68 27.80 -10.25
N MET B 9 -11.51 26.50 -10.07
CA MET B 9 -10.38 26.01 -9.27
C MET B 9 -9.08 26.42 -9.95
N GLU B 10 -8.21 27.10 -9.22
CA GLU B 10 -6.88 27.35 -9.73
C GLU B 10 -6.08 26.05 -9.76
N ASN B 11 -5.23 25.92 -10.78
CA ASN B 11 -4.29 24.80 -10.82
C ASN B 11 -3.48 24.76 -9.53
N ILE B 12 -3.13 23.54 -9.10
CA ILE B 12 -2.21 23.41 -7.99
C ILE B 12 -0.89 24.07 -8.38
N LYS B 13 -0.44 25.00 -7.54
CA LYS B 13 0.72 25.82 -7.83
C LYS B 13 1.94 25.23 -7.13
N VAL B 14 2.93 24.82 -7.92
CA VAL B 14 4.09 24.09 -7.42
C VAL B 14 5.35 24.90 -7.68
N VAL B 15 6.21 24.98 -6.68
CA VAL B 15 7.59 25.43 -6.84
C VAL B 15 8.49 24.19 -6.80
N VAL B 16 9.26 23.97 -7.85
CA VAL B 16 10.29 22.92 -7.86
C VAL B 16 11.60 23.54 -7.38
N TRP B 17 12.13 23.00 -6.29
CA TRP B 17 13.27 23.59 -5.57
C TRP B 17 14.42 22.57 -5.64
N GLY B 18 15.38 22.82 -6.51
CA GLY B 18 16.37 21.83 -6.88
C GLY B 18 16.02 21.28 -8.25
N LEU B 19 16.93 21.41 -9.22
CA LEU B 19 16.59 21.11 -10.61
C LEU B 19 17.61 20.17 -11.23
N GLY B 20 18.17 19.26 -10.44
CA GLY B 20 18.97 18.20 -10.98
C GLY B 20 18.12 17.14 -11.64
N ALA B 21 18.54 15.88 -11.52
CA ALA B 21 17.82 14.79 -12.18
C ALA B 21 16.38 14.71 -11.71
N MET B 22 16.17 14.72 -10.38
CA MET B 22 14.81 14.58 -9.86
C MET B 22 13.99 15.83 -10.12
N GLY B 23 14.58 17.01 -9.87
CA GLY B 23 13.89 18.26 -10.16
C GLY B 23 13.40 18.34 -11.59
N SER B 24 14.25 17.95 -12.54
CA SER B 24 13.89 18.03 -13.95
C SER B 24 12.74 17.10 -14.28
N GLY B 25 12.85 15.83 -13.87
CA GLY B 25 11.79 14.89 -14.15
C GLY B 25 10.48 15.29 -13.50
N ILE B 26 10.55 15.84 -12.29
CA ILE B 26 9.33 16.25 -11.60
C ILE B 26 8.66 17.39 -12.37
N ALA B 27 9.47 18.38 -12.80
CA ALA B 27 8.94 19.50 -13.56
C ALA B 27 8.26 19.04 -14.84
N LYS B 28 8.94 18.20 -15.64
CA LYS B 28 8.33 17.69 -16.86
C LYS B 28 6.96 17.10 -16.58
N MET B 29 6.84 16.33 -15.49
CA MET B 29 5.59 15.64 -15.19
C MET B 29 4.50 16.62 -14.77
N ILE B 30 4.83 17.59 -13.92
CA ILE B 30 3.85 18.57 -13.48
C ILE B 30 3.22 19.27 -14.68
N LEU B 31 4.05 19.71 -15.63
CA LEU B 31 3.56 20.31 -16.87
C LEU B 31 2.54 19.39 -17.53
N PHE B 32 2.93 18.14 -17.76
CA PHE B 32 2.12 17.15 -18.46
C PHE B 32 0.82 16.82 -17.71
N LYS B 33 0.73 17.11 -16.42
CA LYS B 33 -0.45 16.77 -15.61
C LYS B 33 -1.47 17.90 -15.66
N LYS B 34 -2.72 17.57 -16.00
CA LYS B 34 -3.78 18.58 -15.92
C LYS B 34 -4.14 18.82 -14.47
N GLY B 35 -4.18 20.08 -14.07
CA GLY B 35 -4.52 20.48 -12.72
C GLY B 35 -3.36 21.04 -11.94
N MET B 36 -2.14 20.89 -12.45
CA MET B 36 -0.93 21.35 -11.77
C MET B 36 -0.14 22.22 -12.72
N GLU B 37 0.58 23.18 -12.15
CA GLU B 37 1.43 24.07 -12.93
C GLU B 37 2.59 24.54 -12.08
N ILE B 38 3.67 24.89 -12.75
CA ILE B 38 4.86 25.39 -12.06
C ILE B 38 4.76 26.91 -11.98
N VAL B 39 5.06 27.44 -10.80
CA VAL B 39 5.11 28.87 -10.59
C VAL B 39 6.48 29.33 -10.14
N GLY B 40 7.45 28.42 -10.05
CA GLY B 40 8.79 28.74 -9.58
C GLY B 40 9.77 27.59 -9.75
N ALA B 41 11.03 27.92 -10.01
CA ALA B 41 12.10 26.93 -10.14
C ALA B 41 13.36 27.54 -9.54
N ILE B 42 13.92 26.87 -8.53
CA ILE B 42 15.06 27.40 -7.79
C ILE B 42 16.25 26.44 -7.93
N ASP B 43 17.43 27.01 -8.12
CA ASP B 43 18.64 26.20 -8.10
C ASP B 43 19.84 27.12 -7.90
N THR B 44 20.80 26.64 -7.11
CA THR B 44 22.05 27.36 -6.91
C THR B 44 22.97 27.29 -8.12
N ASP B 45 22.62 26.54 -9.14
CA ASP B 45 23.52 26.28 -10.28
C ASP B 45 23.68 27.54 -11.14
N PRO B 46 24.86 28.15 -11.20
CA PRO B 46 25.03 29.34 -12.05
C PRO B 46 24.75 29.08 -13.50
N ASN B 47 24.97 27.85 -13.98
CA ASN B 47 24.63 27.51 -15.36
C ASN B 47 23.14 27.73 -15.61
N LYS B 48 22.31 27.40 -14.62
CA LYS B 48 20.86 27.45 -14.80
C LYS B 48 20.23 28.77 -14.41
N ARG B 49 20.95 29.60 -13.64
CA ARG B 49 20.40 30.87 -13.18
C ARG B 49 19.90 31.70 -14.35
N GLY B 50 18.65 32.16 -14.25
CA GLY B 50 18.05 33.03 -15.22
C GLY B 50 17.41 32.34 -16.41
N LYS B 51 17.76 31.09 -16.69
CA LYS B 51 17.24 30.43 -17.88
C LYS B 51 15.74 30.16 -17.76
N ASP B 52 15.07 30.10 -18.91
CA ASP B 52 13.70 29.61 -18.93
C ASP B 52 13.70 28.11 -18.69
N LEU B 53 12.86 27.67 -17.75
CA LEU B 53 12.79 26.24 -17.41
C LEU B 53 12.50 25.41 -18.65
N ASN B 54 11.63 25.91 -19.53
CA ASN B 54 11.23 25.15 -20.71
C ASN B 54 12.41 24.80 -21.61
N GLU B 55 13.41 25.67 -21.66
CA GLU B 55 14.61 25.38 -22.45
C GLU B 55 15.40 24.22 -21.86
N ILE B 56 15.50 24.17 -20.53
CA ILE B 56 16.23 23.09 -19.87
C ILE B 56 15.57 21.74 -20.15
N LEU B 57 14.25 21.71 -20.19
CA LEU B 57 13.51 20.47 -20.35
C LEU B 57 13.05 20.20 -21.76
N GLY B 58 13.19 21.17 -22.67
CA GLY B 58 12.75 20.99 -24.03
C GLY B 58 11.24 20.87 -24.14
N THR B 59 10.53 21.86 -23.63
CA THR B 59 9.08 21.82 -23.58
C THR B 59 8.52 23.21 -23.86
N ASN B 60 7.22 23.27 -24.14
CA ASN B 60 6.51 24.52 -24.46
C ASN B 60 5.50 24.81 -23.36
N SER B 61 5.73 25.85 -22.59
CA SER B 61 4.78 26.25 -21.56
C SER B 61 5.09 27.67 -21.14
N LYS B 62 4.16 28.27 -20.38
CA LYS B 62 4.33 29.60 -19.81
C LYS B 62 5.69 29.67 -19.12
N PRO B 63 6.62 30.46 -19.67
CA PRO B 63 8.02 30.37 -19.21
C PRO B 63 8.18 30.70 -17.74
N VAL B 64 9.04 29.93 -17.07
CA VAL B 64 9.44 30.15 -15.69
C VAL B 64 10.94 30.34 -15.67
N TYR B 65 11.41 31.30 -14.87
CA TYR B 65 12.80 31.70 -14.90
C TYR B 65 13.47 31.24 -13.62
N ILE B 66 14.40 30.30 -13.77
CA ILE B 66 15.11 29.74 -12.63
C ILE B 66 15.82 30.85 -11.88
N THR B 67 15.60 30.90 -10.58
CA THR B 67 16.29 31.84 -9.71
C THR B 67 17.21 31.07 -8.79
N SER B 68 18.34 31.68 -8.46
CA SER B 68 19.19 31.21 -7.39
C SER B 68 18.80 31.84 -6.06
N GLU B 69 17.79 32.72 -6.09
CA GLU B 69 17.32 33.43 -4.90
C GLU B 69 15.94 32.90 -4.53
N PRO B 70 15.84 31.99 -3.54
CA PRO B 70 14.53 31.40 -3.25
C PRO B 70 13.45 32.43 -2.95
N GLN B 71 13.82 33.60 -2.46
CA GLN B 71 12.83 34.45 -1.82
C GLN B 71 12.02 35.31 -2.78
N ASP B 72 12.31 35.32 -4.08
CA ASP B 72 11.36 35.94 -4.99
C ASP B 72 10.35 34.96 -5.56
N ILE B 73 10.08 33.87 -4.83
CA ILE B 73 8.99 32.97 -5.19
C ILE B 73 8.45 32.25 -3.95
N ILE B 74 9.31 32.05 -2.95
CA ILE B 74 8.87 31.48 -1.68
C ILE B 74 8.28 32.61 -0.84
N LYS B 75 7.08 33.05 -1.19
CA LYS B 75 6.39 34.11 -0.46
C LYS B 75 5.03 33.61 0.00
N LYS B 76 4.53 34.26 1.06
CA LYS B 76 3.20 34.02 1.58
C LYS B 76 2.16 33.91 0.47
N GLY B 77 1.48 32.77 0.40
CA GLY B 77 0.41 32.60 -0.55
C GLY B 77 0.80 32.62 -2.01
N SER B 78 2.08 32.37 -2.33
CA SER B 78 2.48 32.35 -3.73
C SER B 78 2.39 30.97 -4.37
N ALA B 79 2.54 29.90 -3.58
CA ALA B 79 2.51 28.54 -4.10
C ALA B 79 1.86 27.60 -3.11
N ASP B 80 1.18 26.59 -3.64
CA ASP B 80 0.57 25.56 -2.79
C ASP B 80 1.64 24.73 -2.10
N ILE B 81 2.63 24.26 -2.86
CA ILE B 81 3.57 23.27 -2.34
C ILE B 81 4.92 23.44 -3.03
N ALA B 82 5.98 23.42 -2.25
CA ALA B 82 7.35 23.32 -2.76
C ALA B 82 7.79 21.86 -2.77
N VAL B 83 8.45 21.45 -3.85
CA VAL B 83 9.03 20.12 -3.96
C VAL B 83 10.54 20.29 -3.85
N ILE B 84 11.10 19.94 -2.70
CA ILE B 84 12.51 20.14 -2.41
C ILE B 84 13.28 18.89 -2.80
N VAL B 85 14.07 18.99 -3.88
CA VAL B 85 14.86 17.87 -4.36
C VAL B 85 16.32 18.30 -4.46
N THR B 86 16.98 18.39 -3.32
CA THR B 86 18.35 18.90 -3.28
C THR B 86 19.28 17.92 -2.59
N SER B 87 19.28 17.92 -1.27
CA SER B 87 20.23 17.17 -0.46
C SER B 87 19.61 15.87 0.04
N SER B 88 20.46 15.04 0.63
CA SER B 88 19.99 13.82 1.27
C SER B 88 19.69 14.01 2.76
N TYR B 89 20.16 15.10 3.34
CA TYR B 89 20.31 15.24 4.78
C TYR B 89 19.32 16.25 5.33
N VAL B 90 18.77 15.95 6.51
CA VAL B 90 17.82 16.86 7.15
C VAL B 90 18.44 18.22 7.35
N GLU B 91 19.66 18.25 7.87
CA GLU B 91 20.28 19.53 8.19
C GLU B 91 20.51 20.39 6.96
N LYS B 92 20.59 19.79 5.77
CA LYS B 92 20.81 20.60 4.57
C LYS B 92 19.51 21.02 3.90
N VAL B 93 18.39 20.31 4.13
CA VAL B 93 17.11 20.79 3.61
C VAL B 93 16.24 21.45 4.67
N PHE B 94 16.63 21.38 5.96
CA PHE B 94 15.86 22.09 6.98
C PHE B 94 15.77 23.59 6.73
N PRO B 95 16.85 24.31 6.41
CA PRO B 95 16.70 25.75 6.10
C PRO B 95 15.74 25.99 4.95
N LEU B 96 15.74 25.12 3.94
CA LEU B 96 14.82 25.27 2.82
C LEU B 96 13.39 24.98 3.25
N ILE B 97 13.21 23.93 4.07
CA ILE B 97 11.88 23.60 4.59
C ILE B 97 11.35 24.74 5.44
N LYS B 98 12.19 25.25 6.34
CA LYS B 98 11.78 26.35 7.21
C LYS B 98 11.27 27.54 6.41
N LEU B 99 12.02 27.95 5.39
CA LEU B 99 11.59 29.07 4.58
C LEU B 99 10.23 28.79 3.95
N ALA B 100 10.04 27.57 3.44
CA ALA B 100 8.81 27.25 2.72
C ALA B 100 7.58 27.27 3.63
N VAL B 101 7.69 26.67 4.83
CA VAL B 101 6.50 26.58 5.65
C VAL B 101 6.19 27.93 6.30
N GLU B 102 7.22 28.70 6.66
CA GLU B 102 6.99 30.03 7.23
C GLU B 102 6.18 30.91 6.28
N ASN B 103 6.25 30.66 4.98
CA ASN B 103 5.41 31.32 4.01
C ASN B 103 4.16 30.52 3.69
N GLY B 104 3.78 29.59 4.56
CA GLY B 104 2.56 28.84 4.40
C GLY B 104 2.51 28.04 3.12
N ILE B 105 3.60 27.34 2.83
CA ILE B 105 3.70 26.52 1.63
C ILE B 105 3.96 25.08 2.07
N ASN B 106 3.17 24.15 1.54
CA ASN B 106 3.36 22.73 1.79
C ASN B 106 4.69 22.26 1.18
N VAL B 107 5.23 21.18 1.73
CA VAL B 107 6.56 20.69 1.35
C VAL B 107 6.51 19.19 1.09
N ILE B 108 7.05 18.77 -0.04
CA ILE B 108 7.43 17.39 -0.30
C ILE B 108 8.92 17.38 -0.61
N THR B 109 9.66 16.47 0.01
CA THR B 109 11.08 16.39 -0.27
C THR B 109 11.50 14.95 -0.47
N THR B 110 12.52 14.77 -1.30
CA THR B 110 13.09 13.46 -1.56
C THR B 110 14.19 13.08 -0.57
N ALA B 111 14.64 14.02 0.26
CA ALA B 111 15.77 13.76 1.13
C ALA B 111 15.57 12.47 1.92
N GLU B 112 16.46 11.52 1.72
CA GLU B 112 16.35 10.19 2.33
C GLU B 112 16.12 10.30 3.83
N GLU B 113 16.92 11.11 4.51
CA GLU B 113 16.73 11.26 5.95
C GLU B 113 15.35 11.82 6.29
N MET B 114 14.74 12.58 5.38
CA MET B 114 13.41 13.12 5.64
C MET B 114 12.30 12.09 5.45
N ALA B 115 12.62 10.86 5.02
CA ALA B 115 11.58 9.84 4.91
C ALA B 115 11.03 9.47 6.28
N TYR B 116 11.86 9.57 7.31
CA TYR B 116 11.42 9.38 8.69
C TYR B 116 12.40 10.14 9.57
N PRO B 117 12.26 11.47 9.64
CA PRO B 117 13.34 12.30 10.23
C PRO B 117 13.60 12.02 11.70
N SER B 118 12.63 11.50 12.44
CA SER B 118 12.87 11.23 13.86
C SER B 118 13.91 10.14 14.06
N ALA B 119 14.13 9.28 13.06
CA ALA B 119 15.03 8.15 13.23
C ALA B 119 16.43 8.60 13.66
N GLN B 120 16.88 9.74 13.14
CA GLN B 120 18.23 10.22 13.38
C GLN B 120 18.29 11.69 13.75
N HIS B 121 17.19 12.43 13.68
CA HIS B 121 17.18 13.86 13.92
C HIS B 121 15.88 14.22 14.65
N LEU B 122 15.71 13.62 15.84
CA LEU B 122 14.48 13.81 16.60
C LEU B 122 14.17 15.29 16.81
N GLU B 123 15.14 16.04 17.35
CA GLU B 123 14.88 17.44 17.69
C GLU B 123 14.59 18.26 16.44
N LEU B 124 15.32 18.02 15.36
CA LEU B 124 15.03 18.74 14.11
C LEU B 124 13.67 18.35 13.57
N ALA B 125 13.32 17.06 13.65
CA ALA B 125 12.01 16.61 13.19
C ALA B 125 10.91 17.24 14.02
N LYS B 126 11.12 17.33 15.34
CA LYS B 126 10.19 18.04 16.20
C LYS B 126 9.99 19.48 15.74
N GLU B 127 11.09 20.16 15.39
CA GLU B 127 11.01 21.55 14.97
C GLU B 127 10.26 21.70 13.65
N ILE B 128 10.52 20.83 12.69
CA ILE B 128 9.75 20.87 11.43
C ILE B 128 8.26 20.73 11.71
N ASP B 129 7.91 19.85 12.66
CA ASP B 129 6.50 19.64 12.98
C ASP B 129 5.90 20.89 13.64
N ARG B 130 6.60 21.44 14.63
CA ARG B 130 6.15 22.68 15.26
C ARG B 130 5.96 23.79 14.23
N LEU B 131 6.95 23.97 13.35
CA LEU B 131 6.88 25.04 12.37
C LEU B 131 5.78 24.78 11.34
N ALA B 132 5.63 23.53 10.91
CA ALA B 132 4.58 23.23 9.94
C ALA B 132 3.20 23.44 10.55
N ARG B 133 3.01 23.01 11.80
CA ARG B 133 1.72 23.17 12.49
C ARG B 133 1.37 24.64 12.66
N GLU B 134 2.28 25.40 13.29
CA GLU B 134 2.08 26.82 13.53
C GLU B 134 1.81 27.60 12.24
N ASN B 135 2.03 27.00 11.08
CA ASN B 135 1.80 27.65 9.80
C ASN B 135 0.73 26.97 8.96
N GLY B 136 0.11 25.91 9.47
CA GLY B 136 -1.01 25.27 8.79
C GLY B 136 -0.67 24.53 7.52
N VAL B 137 0.55 23.97 7.41
CA VAL B 137 0.95 23.25 6.22
C VAL B 137 1.60 21.93 6.61
N SER B 138 1.75 21.05 5.64
CA SER B 138 2.27 19.71 5.87
C SER B 138 3.61 19.53 5.19
N VAL B 139 4.45 18.68 5.79
CA VAL B 139 5.77 18.35 5.27
C VAL B 139 5.88 16.83 5.16
N LEU B 140 6.31 16.36 4.00
CA LEU B 140 6.45 14.93 3.74
C LEU B 140 7.78 14.65 3.07
N GLY B 141 8.48 13.63 3.57
CA GLY B 141 9.60 13.04 2.85
C GLY B 141 9.16 11.73 2.24
N THR B 142 9.44 11.56 0.95
CA THR B 142 9.11 10.31 0.27
C THR B 142 10.14 10.00 -0.80
N GLY B 143 9.86 9.01 -1.62
CA GLY B 143 10.82 8.43 -2.54
C GLY B 143 10.54 6.95 -2.74
N ILE B 144 11.25 6.35 -3.70
CA ILE B 144 11.07 4.92 -3.88
C ILE B 144 11.73 4.16 -2.74
N ASN B 145 12.91 4.62 -2.29
CA ASN B 145 13.65 3.93 -1.25
C ASN B 145 14.70 4.84 -0.64
N PRO B 146 14.47 5.39 0.57
CA PRO B 146 13.30 5.17 1.39
C PRO B 146 12.07 5.92 0.90
N GLY B 147 10.90 5.53 1.43
CA GLY B 147 9.65 6.17 1.10
C GLY B 147 8.62 5.25 0.48
N PHE B 148 9.04 4.15 -0.13
CA PHE B 148 8.04 3.26 -0.67
C PHE B 148 8.39 1.78 -0.52
N VAL B 149 9.34 1.30 -1.31
CA VAL B 149 9.37 -0.13 -1.59
C VAL B 149 9.88 -0.93 -0.40
N LEU B 150 10.82 -0.39 0.39
CA LEU B 150 11.35 -1.09 1.54
C LEU B 150 10.85 -0.52 2.87
N ASP B 151 9.70 0.16 2.86
CA ASP B 151 9.06 0.54 4.12
C ASP B 151 7.54 0.52 3.99
N TYR B 152 6.96 1.53 3.34
CA TYR B 152 5.52 1.58 3.17
C TYR B 152 4.96 0.27 2.60
N LEU B 153 5.59 -0.25 1.55
CA LEU B 153 5.08 -1.47 0.92
C LEU B 153 5.16 -2.66 1.88
N ILE B 154 6.29 -2.82 2.57
CA ILE B 154 6.42 -3.88 3.57
C ILE B 154 5.34 -3.71 4.63
N ILE B 155 5.16 -2.48 5.11
CA ILE B 155 4.21 -2.23 6.19
C ILE B 155 2.81 -2.63 5.76
N ALA B 156 2.42 -2.25 4.54
CA ALA B 156 1.09 -2.61 4.03
C ALA B 156 0.89 -4.11 4.02
N LEU B 157 1.89 -4.86 3.58
CA LEU B 157 1.78 -6.32 3.56
C LEU B 157 1.56 -6.89 4.95
N THR B 158 2.23 -6.34 5.98
CA THR B 158 2.01 -6.86 7.33
C THR B 158 0.56 -6.73 7.77
N GLY B 159 -0.19 -5.80 7.19
CA GLY B 159 -1.60 -5.61 7.52
C GLY B 159 -2.47 -6.83 7.27
N VAL B 160 -2.00 -7.80 6.49
CA VAL B 160 -2.72 -9.05 6.36
C VAL B 160 -2.15 -10.16 7.25
N CYS B 161 -1.32 -9.80 8.23
CA CYS B 161 -0.73 -10.81 9.11
C CYS B 161 -1.35 -10.73 10.50
N VAL B 162 -1.78 -11.88 11.01
CA VAL B 162 -2.08 -11.98 12.42
C VAL B 162 -0.86 -11.63 13.26
N ASP B 163 0.32 -12.01 12.78
CA ASP B 163 1.52 -11.96 13.58
C ASP B 163 2.73 -11.90 12.67
N VAL B 164 3.68 -11.04 12.99
CA VAL B 164 4.91 -10.91 12.21
C VAL B 164 6.08 -11.26 13.10
N ASP B 165 6.85 -12.27 12.71
CA ASP B 165 8.07 -12.60 13.43
C ASP B 165 9.22 -11.72 12.98
N SER B 166 9.50 -11.72 11.67
CA SER B 166 10.66 -11.03 11.14
C SER B 166 10.35 -10.56 9.72
N ILE B 167 11.22 -9.69 9.23
CA ILE B 167 11.10 -9.14 7.89
C ILE B 167 12.48 -9.11 7.25
N LYS B 168 12.60 -9.72 6.08
CA LYS B 168 13.81 -9.69 5.27
C LYS B 168 13.46 -9.17 3.89
N ALA B 169 14.22 -8.19 3.40
CA ALA B 169 13.88 -7.56 2.14
C ALA B 169 15.14 -7.08 1.44
N ALA B 170 15.11 -7.14 0.11
CA ALA B 170 16.24 -6.70 -0.71
C ALA B 170 15.74 -5.89 -1.89
N ARG B 171 16.59 -4.97 -2.35
CA ARG B 171 16.34 -4.18 -3.55
C ARG B 171 17.61 -4.21 -4.40
N ILE B 172 17.49 -4.72 -5.62
CA ILE B 172 18.65 -4.96 -6.48
C ILE B 172 18.44 -4.22 -7.79
N ASN B 173 19.41 -3.38 -8.16
CA ASN B 173 19.37 -2.61 -9.39
C ASN B 173 20.58 -2.96 -10.25
N ASP B 174 20.68 -2.29 -11.40
CA ASP B 174 21.81 -2.42 -12.32
C ASP B 174 22.43 -1.04 -12.48
N LEU B 175 23.68 -0.89 -12.06
CA LEU B 175 24.34 0.41 -12.15
C LEU B 175 24.86 0.72 -13.54
N SER B 176 24.76 -0.20 -14.50
CA SER B 176 25.45 -0.02 -15.77
C SER B 176 25.06 1.24 -16.55
N PRO B 177 23.82 1.76 -16.50
CA PRO B 177 23.50 2.97 -17.28
C PRO B 177 24.14 4.25 -16.73
N PHE B 178 24.75 4.23 -15.55
CA PHE B 178 25.18 5.45 -14.88
C PHE B 178 26.64 5.77 -15.15
N GLY B 179 27.01 7.03 -14.90
CA GLY B 179 28.32 7.53 -15.24
C GLY B 179 29.31 7.41 -14.11
N LYS B 180 30.45 8.09 -14.27
CA LYS B 180 31.59 7.90 -13.39
C LYS B 180 31.25 8.26 -11.94
N ALA B 181 30.45 9.31 -11.74
CA ALA B 181 30.15 9.76 -10.38
C ALA B 181 29.43 8.66 -9.58
N VAL B 182 28.49 7.96 -10.23
CA VAL B 182 27.79 6.87 -9.55
C VAL B 182 28.72 5.68 -9.35
N MET B 183 29.53 5.33 -10.37
CA MET B 183 30.52 4.28 -10.20
C MET B 183 31.38 4.54 -8.97
N GLU B 184 31.81 5.78 -8.78
CA GLU B 184 32.69 6.07 -7.64
C GLU B 184 31.93 6.08 -6.33
N GLU B 185 30.63 6.42 -6.35
CA GLU B 185 29.82 6.36 -5.13
C GLU B 185 29.71 4.93 -4.61
N GLN B 186 29.65 3.96 -5.52
CA GLN B 186 29.48 2.56 -5.16
C GLN B 186 30.78 1.75 -5.28
N GLY B 187 31.92 2.42 -5.39
CA GLY B 187 33.20 1.73 -5.36
C GLY B 187 33.47 0.78 -6.51
N VAL B 188 32.74 0.93 -7.64
CA VAL B 188 32.95 0.04 -8.77
C VAL B 188 34.39 0.16 -9.25
N GLY B 189 35.03 -0.99 -9.49
CA GLY B 189 36.38 -1.02 -10.00
C GLY B 189 37.47 -1.04 -8.95
N LEU B 190 37.16 -0.67 -7.70
CA LEU B 190 38.17 -0.64 -6.66
C LEU B 190 38.68 -2.05 -6.33
N THR B 191 39.72 -2.09 -5.51
CA THR B 191 40.09 -3.32 -4.83
C THR B 191 39.36 -3.37 -3.50
N PRO B 192 39.25 -4.56 -2.90
CA PRO B 192 38.63 -4.64 -1.57
C PRO B 192 39.26 -3.67 -0.57
N GLU B 193 40.57 -3.49 -0.62
CA GLU B 193 41.26 -2.60 0.30
C GLU B 193 41.00 -1.14 -0.04
N GLU B 194 41.01 -0.80 -1.33
CA GLU B 194 40.60 0.54 -1.74
C GLU B 194 39.15 0.81 -1.40
N PHE B 195 38.33 -0.24 -1.38
CA PHE B 195 36.93 -0.08 -0.98
C PHE B 195 36.81 0.31 0.48
N GLU B 196 37.62 -0.30 1.35
CA GLU B 196 37.50 -0.02 2.78
C GLU B 196 37.87 1.42 3.09
N GLU B 197 39.00 1.90 2.54
CA GLU B 197 39.33 3.31 2.77
C GLU B 197 38.33 4.22 2.08
N GLY B 198 37.82 3.83 0.91
CA GLY B 198 36.79 4.62 0.26
C GLY B 198 35.57 4.82 1.13
N VAL B 199 35.11 3.74 1.79
CA VAL B 199 34.00 3.84 2.72
C VAL B 199 34.38 4.72 3.90
N LYS B 200 35.55 4.45 4.49
CA LYS B 200 35.95 5.16 5.69
C LYS B 200 36.21 6.64 5.43
N ASN B 201 36.54 7.03 4.21
CA ASN B 201 36.75 8.43 3.89
C ASN B 201 35.53 9.09 3.25
N GLY B 202 34.54 8.33 2.81
CA GLY B 202 33.32 8.91 2.31
C GLY B 202 33.16 8.97 0.80
N THR B 203 34.15 8.51 0.02
CA THR B 203 33.94 8.45 -1.41
C THR B 203 32.95 7.36 -1.77
N VAL B 204 32.90 6.29 -1.00
CA VAL B 204 31.92 5.23 -1.19
C VAL B 204 30.68 5.58 -0.37
N ALA B 205 29.59 5.83 -1.06
CA ALA B 205 28.37 6.34 -0.43
C ALA B 205 27.45 5.25 0.08
N GLY B 206 27.49 4.06 -0.52
CA GLY B 206 26.51 3.04 -0.19
C GLY B 206 25.11 3.55 -0.49
N HIS B 207 24.19 3.29 0.44
CA HIS B 207 22.81 3.76 0.34
C HIS B 207 22.42 4.47 1.62
N ILE B 208 21.75 5.61 1.48
CA ILE B 208 21.24 6.38 2.59
C ILE B 208 19.75 6.10 2.75
N GLY B 209 19.33 5.76 3.97
CA GLY B 209 17.91 5.73 4.26
C GLY B 209 17.43 4.54 5.08
N PHE B 210 18.32 3.60 5.36
CA PHE B 210 17.92 2.38 6.06
C PHE B 210 17.47 2.65 7.49
N PRO B 211 18.19 3.49 8.27
CA PRO B 211 17.66 3.81 9.62
C PRO B 211 16.28 4.43 9.56
N GLU B 212 15.99 5.19 8.51
CA GLU B 212 14.66 5.77 8.37
C GLU B 212 13.61 4.69 8.08
N SER B 213 13.94 3.77 7.17
CA SER B 213 13.01 2.72 6.77
C SER B 213 12.74 1.75 7.90
N ILE B 214 13.80 1.35 8.60
CA ILE B 214 13.67 0.44 9.73
C ILE B 214 12.87 1.09 10.85
N SER B 215 13.18 2.35 11.17
CA SER B 215 12.44 3.02 12.23
C SER B 215 10.97 3.14 11.88
N MET B 216 10.66 3.48 10.62
CA MET B 216 9.27 3.59 10.20
C MET B 216 8.53 2.27 10.35
N ILE B 217 9.16 1.16 9.97
CA ILE B 217 8.50 -0.14 10.11
C ILE B 217 8.17 -0.42 11.56
N CYS B 218 9.16 -0.27 12.45
CA CYS B 218 8.96 -0.57 13.87
C CYS B 218 7.90 0.31 14.50
N ASP B 219 7.92 1.61 14.23
CA ASP B 219 6.87 2.47 14.74
C ASP B 219 5.51 2.01 14.23
N ALA B 220 5.43 1.63 12.96
CA ALA B 220 4.15 1.21 12.40
C ALA B 220 3.62 -0.04 13.10
N LEU B 221 4.48 -1.03 13.32
CA LEU B 221 4.05 -2.30 13.91
C LEU B 221 4.05 -2.28 15.43
N GLY B 222 4.60 -1.24 16.05
CA GLY B 222 4.70 -1.19 17.50
C GLY B 222 5.85 -1.98 18.10
N TRP B 223 6.94 -2.17 17.34
CA TRP B 223 8.17 -2.70 17.90
C TRP B 223 9.00 -1.55 18.44
N LYS B 224 9.67 -1.79 19.57
CA LYS B 224 10.58 -0.80 20.12
C LYS B 224 12.01 -1.24 19.82
N LEU B 225 12.72 -0.39 19.08
CA LEU B 225 14.06 -0.73 18.61
C LEU B 225 15.03 -0.71 19.78
N SER B 226 15.85 -1.75 19.89
CA SER B 226 16.98 -1.75 20.81
C SER B 226 18.26 -1.31 20.13
N GLY B 227 18.30 -1.26 18.80
CA GLY B 227 19.48 -0.82 18.09
C GLY B 227 19.31 -0.97 16.59
N ILE B 228 20.05 -0.16 15.83
CA ILE B 228 20.12 -0.28 14.38
C ILE B 228 21.58 -0.40 14.01
N GLU B 229 21.94 -1.47 13.31
CA GLU B 229 23.28 -1.67 12.80
C GLU B 229 23.24 -1.69 11.28
N GLN B 230 24.32 -1.21 10.66
CA GLN B 230 24.47 -1.29 9.22
C GLN B 230 25.86 -1.79 8.86
N THR B 231 25.97 -2.35 7.67
CA THR B 231 27.23 -2.63 7.04
C THR B 231 27.19 -2.13 5.61
N ARG B 232 28.36 -1.77 5.10
CA ARG B 232 28.53 -1.21 3.75
C ARG B 232 29.79 -1.89 3.23
N GLU B 233 29.60 -3.00 2.55
CA GLU B 233 30.70 -3.88 2.16
C GLU B 233 30.71 -4.06 0.65
N PRO B 234 31.87 -4.41 0.08
CA PRO B 234 31.96 -4.51 -1.38
C PRO B 234 31.35 -5.79 -1.92
N ILE B 235 30.86 -5.69 -3.15
CA ILE B 235 30.39 -6.85 -3.92
C ILE B 235 31.58 -7.27 -4.78
N VAL B 236 32.37 -8.21 -4.27
CA VAL B 236 33.60 -8.60 -4.94
C VAL B 236 33.24 -9.48 -6.13
N SER B 237 33.67 -9.07 -7.31
CA SER B 237 33.27 -9.80 -8.52
C SER B 237 34.06 -11.10 -8.68
N LYS B 238 33.40 -12.10 -9.25
CA LYS B 238 34.05 -13.31 -9.71
C LYS B 238 34.00 -13.42 -11.22
N THR B 239 33.64 -12.33 -11.91
CA THR B 239 33.50 -12.35 -13.35
C THR B 239 34.08 -11.05 -13.92
N TYR B 240 34.10 -10.97 -15.25
CA TYR B 240 34.51 -9.75 -15.94
C TYR B 240 33.27 -9.00 -16.38
N ARG B 241 33.18 -7.72 -16.00
CA ARG B 241 32.08 -6.86 -16.40
C ARG B 241 32.62 -5.51 -16.81
N GLU B 242 32.06 -4.95 -17.88
CA GLU B 242 32.55 -3.70 -18.44
C GLU B 242 31.39 -2.92 -19.03
N THR B 243 31.35 -1.63 -18.75
CA THR B 243 30.44 -0.68 -19.36
C THR B 243 31.25 0.54 -19.75
N PRO B 244 30.67 1.47 -20.54
CA PRO B 244 31.40 2.69 -20.92
C PRO B 244 32.06 3.45 -19.78
N TYR B 245 31.64 3.24 -18.53
CA TYR B 245 32.18 4.02 -17.44
C TYR B 245 32.85 3.18 -16.37
N ALA B 246 32.82 1.85 -16.47
CA ALA B 246 33.45 1.03 -15.46
C ALA B 246 33.93 -0.28 -16.06
N ARG B 247 35.00 -0.82 -15.46
CA ARG B 247 35.58 -2.10 -15.84
C ARG B 247 35.95 -2.85 -14.57
N VAL B 248 35.30 -3.98 -14.32
CA VAL B 248 35.61 -4.80 -13.15
C VAL B 248 36.12 -6.16 -13.64
N GLU B 249 37.27 -6.55 -13.11
CA GLU B 249 37.85 -7.86 -13.35
C GLU B 249 37.77 -8.69 -12.08
N PRO B 250 37.77 -10.02 -12.21
CA PRO B 250 37.58 -10.87 -11.03
C PRO B 250 38.49 -10.47 -9.89
N GLY B 251 37.94 -10.44 -8.67
CA GLY B 251 38.65 -9.97 -7.51
C GLY B 251 38.53 -8.49 -7.25
N TYR B 252 38.00 -7.73 -8.21
CA TYR B 252 37.75 -6.31 -8.03
C TYR B 252 36.27 -6.09 -7.71
N VAL B 253 35.99 -4.96 -7.09
CA VAL B 253 34.67 -4.66 -6.56
C VAL B 253 33.72 -4.30 -7.71
N ALA B 254 32.64 -5.05 -7.85
CA ALA B 254 31.60 -4.76 -8.82
C ALA B 254 30.54 -3.77 -8.32
N GLY B 255 30.60 -3.37 -7.06
CA GLY B 255 29.60 -2.50 -6.49
C GLY B 255 29.54 -2.63 -4.98
N CYS B 256 28.51 -2.03 -4.40
CA CYS B 256 28.43 -1.86 -2.95
C CYS B 256 27.12 -2.46 -2.45
N ARG B 257 27.22 -3.30 -1.42
CA ARG B 257 26.04 -3.90 -0.76
C ARG B 257 25.86 -3.20 0.58
N GLN B 258 24.74 -2.50 0.73
CA GLN B 258 24.38 -1.86 1.99
C GLN B 258 23.38 -2.76 2.69
N ILE B 259 23.59 -2.98 3.99
CA ILE B 259 22.70 -3.84 4.78
C ILE B 259 22.25 -3.09 6.02
N GLY B 260 20.95 -3.19 6.33
CA GLY B 260 20.44 -2.60 7.56
C GLY B 260 19.80 -3.61 8.49
N TYR B 261 20.18 -3.62 9.76
CA TYR B 261 19.63 -4.53 10.76
C TYR B 261 18.88 -3.73 11.82
N GLY B 262 17.57 -3.96 11.93
CA GLY B 262 16.78 -3.40 13.01
C GLY B 262 16.61 -4.43 14.10
N LYS B 263 16.99 -4.05 15.33
CA LYS B 263 17.03 -5.00 16.43
C LYS B 263 15.99 -4.67 17.48
N VAL B 264 15.26 -5.68 17.91
CA VAL B 264 14.32 -5.60 19.02
C VAL B 264 14.80 -6.57 20.09
N ASP B 265 14.93 -6.07 21.32
CA ASP B 265 15.52 -6.84 22.41
C ASP B 265 16.82 -7.52 21.96
N GLY B 266 17.64 -6.76 21.23
CA GLY B 266 18.91 -7.25 20.77
C GLY B 266 18.86 -8.30 19.68
N GLU B 267 17.68 -8.61 19.15
CA GLU B 267 17.54 -9.59 18.10
C GLU B 267 17.07 -8.92 16.81
N VAL B 268 17.58 -9.39 15.68
CA VAL B 268 17.25 -8.82 14.38
C VAL B 268 15.81 -9.17 14.03
N LYS B 269 14.93 -8.16 13.98
CA LYS B 269 13.60 -8.35 13.42
C LYS B 269 13.50 -7.92 11.97
N ILE B 270 14.35 -6.98 11.54
CA ILE B 270 14.30 -6.41 10.19
C ILE B 270 15.70 -6.43 9.60
N GLU B 271 15.81 -6.99 8.40
CA GLU B 271 17.06 -6.94 7.65
C GLU B 271 16.75 -6.40 6.26
N LEU B 272 17.30 -5.24 5.92
CA LEU B 272 17.15 -4.66 4.60
C LEU B 272 18.50 -4.68 3.89
N GLU B 273 18.49 -5.03 2.60
CA GLU B 273 19.70 -5.13 1.80
C GLU B 273 19.52 -4.33 0.52
N HIS B 274 20.52 -3.51 0.18
CA HIS B 274 20.53 -2.82 -1.10
C HIS B 274 21.89 -3.01 -1.77
N PRO B 275 22.05 -4.10 -2.52
CA PRO B 275 23.26 -4.28 -3.32
C PRO B 275 23.15 -3.53 -4.64
N GLN B 276 24.16 -2.73 -4.95
CA GLN B 276 24.20 -1.98 -6.20
C GLN B 276 25.46 -2.33 -6.96
N GLN B 277 25.31 -2.70 -8.22
CA GLN B 277 26.45 -3.18 -8.98
C GLN B 277 26.16 -3.01 -10.45
N ILE B 278 27.23 -3.00 -11.25
CA ILE B 278 27.06 -3.03 -12.70
C ILE B 278 26.81 -4.47 -13.12
N LEU B 279 25.81 -4.67 -13.97
CA LEU B 279 25.52 -5.94 -14.63
C LEU B 279 25.45 -7.11 -13.66
N PRO B 280 24.42 -7.20 -12.82
CA PRO B 280 24.26 -8.38 -11.97
C PRO B 280 23.88 -9.63 -12.75
N GLN B 281 23.43 -9.49 -13.99
CA GLN B 281 23.18 -10.65 -14.81
C GLN B 281 24.45 -11.48 -15.00
N LYS B 282 25.61 -10.82 -14.98
CA LYS B 282 26.89 -11.50 -15.19
C LYS B 282 27.07 -12.69 -14.25
N GLU B 283 26.54 -12.61 -13.03
CA GLU B 283 26.62 -13.72 -12.08
C GLU B 283 25.23 -14.20 -11.67
N GLY B 284 24.27 -14.07 -12.58
CA GLY B 284 22.94 -14.62 -12.35
C GLY B 284 22.07 -13.89 -11.34
N VAL B 285 22.50 -12.74 -10.85
CA VAL B 285 21.71 -11.97 -9.89
C VAL B 285 20.66 -11.16 -10.66
N GLU B 286 19.38 -11.48 -10.41
CA GLU B 286 18.28 -10.79 -11.08
C GLU B 286 17.92 -9.49 -10.35
N THR B 287 17.60 -8.45 -11.11
CA THR B 287 17.17 -7.22 -10.47
C THR B 287 15.77 -7.41 -9.91
N GLY B 288 15.40 -6.55 -8.97
CA GLY B 288 14.05 -6.60 -8.45
C GLY B 288 13.97 -6.13 -7.01
N ASP B 289 12.74 -5.96 -6.55
CA ASP B 289 12.43 -5.70 -5.15
C ASP B 289 11.84 -6.97 -4.55
N TYR B 290 12.46 -7.45 -3.46
CA TYR B 290 12.12 -8.73 -2.86
C TYR B 290 11.75 -8.51 -1.40
N ILE B 291 10.53 -8.85 -1.03
CA ILE B 291 10.04 -8.71 0.34
C ILE B 291 9.61 -10.08 0.84
N GLU B 292 10.07 -10.44 2.04
CA GLU B 292 9.62 -11.65 2.70
C GLU B 292 9.21 -11.32 4.12
N ILE B 293 7.98 -11.68 4.48
CA ILE B 293 7.47 -11.49 5.83
C ILE B 293 7.34 -12.87 6.44
N LYS B 294 8.05 -13.10 7.53
CA LYS B 294 7.94 -14.35 8.28
C LYS B 294 6.99 -14.12 9.44
N GLY B 295 5.93 -14.92 9.50
CA GLY B 295 4.96 -14.79 10.55
C GLY B 295 3.74 -15.64 10.26
N THR B 296 2.57 -15.12 10.62
CA THR B 296 1.30 -15.81 10.39
C THR B 296 0.37 -14.89 9.64
N PRO B 297 0.27 -15.03 8.30
CA PRO B 297 1.02 -16.02 7.51
C PRO B 297 2.38 -15.51 7.07
N ASN B 298 3.15 -16.36 6.39
CA ASN B 298 4.30 -15.92 5.64
C ASN B 298 3.86 -15.29 4.32
N ILE B 299 4.61 -14.30 3.87
CA ILE B 299 4.30 -13.59 2.63
C ILE B 299 5.60 -13.40 1.86
N LYS B 300 5.60 -13.76 0.58
CA LYS B 300 6.76 -13.62 -0.28
C LYS B 300 6.32 -12.85 -1.52
N LEU B 301 6.70 -11.58 -1.60
CA LEU B 301 6.38 -10.70 -2.71
C LEU B 301 7.64 -10.37 -3.48
N SER B 302 7.51 -10.24 -4.79
CA SER B 302 8.62 -9.72 -5.58
C SER B 302 8.10 -8.86 -6.73
N ILE B 303 8.88 -7.86 -7.10
CA ILE B 303 8.67 -7.03 -8.28
C ILE B 303 9.92 -7.18 -9.13
N LYS B 304 9.78 -7.75 -10.32
CA LYS B 304 10.93 -7.96 -11.20
C LYS B 304 10.62 -7.35 -12.56
N PRO B 305 11.46 -6.45 -13.09
CA PRO B 305 12.64 -5.90 -12.40
C PRO B 305 12.21 -4.94 -11.31
N GLU B 306 13.16 -4.39 -10.55
CA GLU B 306 12.82 -3.49 -9.46
C GLU B 306 12.08 -2.26 -9.99
N ILE B 307 11.26 -1.67 -9.12
CA ILE B 307 10.63 -0.39 -9.45
C ILE B 307 11.72 0.63 -9.77
N PRO B 308 11.66 1.30 -10.93
CA PRO B 308 12.75 2.21 -11.33
C PRO B 308 12.97 3.29 -10.28
N GLY B 309 14.19 3.33 -9.74
CA GLY B 309 14.49 4.28 -8.68
C GLY B 309 14.16 5.72 -9.05
N GLY B 310 14.65 6.18 -10.20
CA GLY B 310 14.48 7.56 -10.61
C GLY B 310 13.09 7.91 -11.10
N LEU B 311 12.59 7.14 -12.06
CA LEU B 311 11.23 7.36 -12.57
C LEU B 311 10.20 7.26 -11.46
N GLY B 312 10.36 6.26 -10.58
CA GLY B 312 9.39 6.07 -9.52
C GLY B 312 9.39 7.19 -8.50
N THR B 313 10.58 7.72 -8.16
CA THR B 313 10.64 8.83 -7.22
C THR B 313 10.01 10.09 -7.82
N ILE B 314 10.25 10.34 -9.11
CA ILE B 314 9.59 11.46 -9.77
C ILE B 314 8.08 11.28 -9.71
N ALA B 315 7.60 10.11 -10.10
CA ALA B 315 6.16 9.88 -10.10
C ALA B 315 5.58 9.94 -8.69
N LEU B 316 6.24 9.32 -7.72
CA LEU B 316 5.67 9.31 -6.38
C LEU B 316 5.62 10.71 -5.80
N CYS B 317 6.68 11.50 -6.04
CA CYS B 317 6.72 12.86 -5.53
C CYS B 317 5.55 13.68 -6.05
N VAL B 318 5.32 13.63 -7.36
CA VAL B 318 4.21 14.38 -7.92
C VAL B 318 2.87 13.83 -7.43
N ASN B 319 2.72 12.51 -7.42
CA ASN B 319 1.44 11.90 -7.07
C ASN B 319 1.06 12.17 -5.62
N MET B 320 2.03 12.40 -4.74
CA MET B 320 1.70 12.68 -3.35
C MET B 320 1.37 14.15 -3.08
N ILE B 321 1.43 15.03 -4.09
CA ILE B 321 1.14 16.45 -3.86
C ILE B 321 -0.27 16.68 -3.32
N PRO B 322 -1.34 16.15 -3.94
CA PRO B 322 -2.67 16.33 -3.33
C PRO B 322 -2.73 15.89 -1.88
N HIS B 323 -2.07 14.78 -1.55
CA HIS B 323 -2.19 14.22 -0.21
C HIS B 323 -1.53 15.12 0.82
N VAL B 324 -0.40 15.74 0.46
CA VAL B 324 0.28 16.61 1.41
C VAL B 324 -0.49 17.90 1.60
N ILE B 325 -1.11 18.39 0.52
CA ILE B 325 -1.95 19.57 0.64
C ILE B 325 -3.16 19.27 1.51
N ASN B 326 -3.81 18.12 1.25
CA ASN B 326 -5.01 17.74 2.01
C ASN B 326 -4.70 17.34 3.44
N ALA B 327 -3.50 16.82 3.70
CA ALA B 327 -3.18 16.34 5.04
C ALA B 327 -3.31 17.46 6.07
N GLU B 328 -3.63 17.08 7.30
CA GLU B 328 -3.66 18.03 8.40
C GLU B 328 -2.26 18.62 8.59
N PRO B 329 -2.16 19.85 9.08
CA PRO B 329 -0.85 20.47 9.25
C PRO B 329 0.06 19.65 10.16
N GLY B 330 1.36 19.77 9.91
CA GLY B 330 2.36 19.05 10.66
C GLY B 330 3.28 18.25 9.76
N LEU B 331 4.33 17.71 10.38
CA LEU B 331 5.22 16.79 9.68
C LEU B 331 4.53 15.43 9.57
N VAL B 332 4.44 14.91 8.35
CA VAL B 332 3.80 13.64 8.10
C VAL B 332 4.81 12.71 7.45
N THR B 333 4.61 11.41 7.63
CA THR B 333 5.37 10.36 6.96
C THR B 333 4.42 9.52 6.13
N MET B 334 4.98 8.55 5.40
CA MET B 334 4.12 7.66 4.62
C MET B 334 3.18 6.85 5.50
N LEU B 335 3.34 6.89 6.83
CA LEU B 335 2.42 6.19 7.73
C LEU B 335 1.13 6.95 8.00
N ASP B 336 1.02 8.21 7.56
CA ASP B 336 -0.11 9.04 7.94
C ASP B 336 -1.04 9.40 6.78
N LEU B 337 -0.67 9.12 5.55
CA LEU B 337 -1.40 9.63 4.40
C LEU B 337 -2.24 8.53 3.76
N PRO B 338 -3.27 8.90 2.97
CA PRO B 338 -4.01 7.87 2.23
C PRO B 338 -3.12 7.20 1.19
N VAL B 339 -3.64 6.20 0.51
CA VAL B 339 -2.79 5.33 -0.33
C VAL B 339 -2.27 6.13 -1.53
N PRO B 340 -1.02 5.94 -1.94
CA PRO B 340 -0.54 6.58 -3.18
C PRO B 340 -1.33 6.08 -4.38
N ARG B 341 -1.41 6.94 -5.40
CA ARG B 341 -2.20 6.62 -6.58
C ARG B 341 -1.79 7.54 -7.74
N ALA B 342 -1.83 6.99 -8.95
CA ALA B 342 -1.58 7.81 -10.14
C ALA B 342 -2.65 8.89 -10.28
N ILE B 343 -2.28 9.98 -10.94
CA ILE B 343 -3.21 11.09 -11.22
C ILE B 343 -3.55 11.01 -12.71
N MET B 344 -4.55 10.22 -13.04
CA MET B 344 -5.00 10.07 -14.42
C MET B 344 -6.16 11.00 -14.77
N GLY B 345 -6.55 11.88 -13.84
CA GLY B 345 -7.59 12.84 -14.06
C GLY B 345 -7.09 14.25 -13.80
N ASP B 346 -7.99 15.12 -13.42
CA ASP B 346 -7.65 16.50 -13.15
C ASP B 346 -7.26 16.64 -11.68
N ALA B 347 -6.00 16.97 -11.43
CA ALA B 347 -5.50 17.04 -10.07
C ALA B 347 -6.28 18.00 -9.19
N ARG B 348 -6.93 19.01 -9.78
CA ARG B 348 -7.75 19.91 -8.96
C ARG B 348 -8.89 19.15 -8.28
N ASP B 349 -9.44 18.13 -8.94
CA ASP B 349 -10.51 17.34 -8.33
C ASP B 349 -10.05 16.58 -7.10
N MET B 350 -8.75 16.37 -6.94
CA MET B 350 -8.23 15.64 -5.79
C MET B 350 -8.00 16.52 -4.58
N ILE B 351 -8.18 17.84 -4.70
CA ILE B 351 -7.99 18.75 -3.59
C ILE B 351 -9.27 18.81 -2.77
N ARG B 352 -9.14 18.70 -1.45
CA ARG B 352 -10.28 18.78 -0.55
C ARG B 352 -10.61 20.23 -0.28
N ARG B 353 -11.82 20.64 -0.66
CA ARG B 353 -12.24 22.03 -0.49
C ARG B 353 -13.39 22.16 0.50
PA NAD C . -19.94 -18.05 7.19
O1A NAD C . -21.19 -18.51 6.48
O2A NAD C . -18.84 -19.03 7.52
O5B NAD C . -20.39 -17.30 8.54
C5B NAD C . -21.53 -16.43 8.54
C4B NAD C . -22.09 -16.42 9.96
O4B NAD C . -22.90 -15.27 10.19
C3B NAD C . -22.96 -17.64 10.18
O3B NAD C . -22.50 -18.29 11.38
C2B NAD C . -24.37 -17.11 10.39
O2B NAD C . -25.04 -17.83 11.42
C1B NAD C . -24.12 -15.67 10.82
N9A NAD C . -25.19 -14.76 10.40
C8A NAD C . -25.69 -14.59 9.16
N7A NAD C . -26.65 -13.63 9.14
C5A NAD C . -26.78 -13.16 10.40
C6A NAD C . -27.61 -12.14 11.08
N6A NAD C . -28.52 -11.42 10.40
N1A NAD C . -27.43 -11.97 12.41
C2A NAD C . -26.52 -12.69 13.10
N3A NAD C . -25.75 -13.63 12.54
C4A NAD C . -25.82 -13.91 11.23
O3 NAD C . -19.34 -16.83 6.34
PN NAD C . -17.81 -16.35 6.48
O1N NAD C . -16.91 -17.31 5.72
O2N NAD C . -17.54 -16.08 7.94
O5D NAD C . -17.92 -14.98 5.65
C5D NAD C . -18.54 -13.81 6.20
C4D NAD C . -18.83 -12.85 5.05
O4D NAD C . -17.65 -12.11 4.73
C3D NAD C . -19.25 -13.61 3.80
O3D NAD C . -20.37 -12.95 3.20
C2D NAD C . -18.06 -13.50 2.87
O2D NAD C . -18.51 -13.38 1.51
C1D NAD C . -17.34 -12.25 3.34
N1N NAD C . -15.91 -12.37 3.09
C2N NAD C . -15.29 -11.42 2.38
C3N NAD C . -13.94 -11.51 2.10
C7N NAD C . -13.25 -10.44 1.30
O7N NAD C . -13.78 -9.34 1.16
N7N NAD C . -12.07 -10.74 0.78
C4N NAD C . -13.22 -12.60 2.55
C5N NAD C . -13.86 -13.58 3.28
C6N NAD C . -15.22 -13.44 3.54
PA NAD D . 20.99 16.13 -8.48
O1A NAD D . 22.38 16.33 -7.92
O2A NAD D . 20.75 15.80 -9.93
O5B NAD D . 20.15 17.44 -8.08
C5B NAD D . 20.75 18.40 -7.23
C4B NAD D . 20.31 19.79 -7.64
O4B NAD D . 19.91 20.56 -6.50
C3B NAD D . 21.47 20.55 -8.29
O3B NAD D . 20.95 21.21 -9.44
C2B NAD D . 21.90 21.56 -7.26
O2B NAD D . 22.43 22.74 -7.87
C1B NAD D . 20.59 21.82 -6.53
N9A NAD D . 20.79 22.32 -5.16
C8A NAD D . 21.61 21.80 -4.23
N7A NAD D . 21.55 22.50 -3.07
C5A NAD D . 20.70 23.52 -3.27
C6A NAD D . 20.18 24.64 -2.44
N6A NAD D . 20.60 24.80 -1.17
N1A NAD D . 19.29 25.47 -3.02
C2A NAD D . 18.88 25.30 -4.30
N3A NAD D . 19.30 24.31 -5.09
C4A NAD D . 20.19 23.40 -4.64
O3 NAD D . 20.33 14.98 -7.56
PN NAD D . 18.84 14.39 -7.76
O1N NAD D . 18.95 13.10 -8.53
O2N NAD D . 17.89 15.46 -8.25
O5D NAD D . 18.54 14.05 -6.21
C5D NAD D . 18.02 15.00 -5.29
C4D NAD D . 18.11 14.43 -3.88
O4D NAD D . 17.05 13.49 -3.69
C3D NAD D . 19.41 13.70 -3.66
O3D NAD D . 19.95 14.06 -2.38
C2D NAD D . 19.06 12.23 -3.64
O2D NAD D . 19.90 11.56 -2.70
C1D NAD D . 17.59 12.24 -3.22
N1N NAD D . 16.80 11.13 -3.77
C2N NAD D . 16.12 10.32 -2.94
C3N NAD D . 15.35 9.28 -3.46
C7N NAD D . 14.59 8.36 -2.54
O7N NAD D . 14.35 8.69 -1.39
N7N NAD D . 14.19 7.19 -3.04
C4N NAD D . 15.30 9.06 -4.83
C5N NAD D . 16.00 9.91 -5.67
C6N NAD D . 16.75 10.96 -5.10
#